data_4HQI
# 
_entry.id   4HQI 
# 
_audit_conform.dict_name       mmcif_pdbx.dic 
_audit_conform.dict_version    5.387 
_audit_conform.dict_location   http://mmcif.pdb.org/dictionaries/ascii/mmcif_pdbx.dic 
# 
loop_
_database_2.database_id 
_database_2.database_code 
_database_2.pdbx_database_accession 
_database_2.pdbx_DOI 
PDB   4HQI         pdb_00004hqi 10.2210/pdb4hqi/pdb 
NDB   NA2104       ?            ?                   
RCSB  RCSB075793   ?            ?                   
WWPDB D_1000075793 ?            ?                   
# 
loop_
_pdbx_audit_revision_history.ordinal 
_pdbx_audit_revision_history.data_content_type 
_pdbx_audit_revision_history.major_revision 
_pdbx_audit_revision_history.minor_revision 
_pdbx_audit_revision_history.revision_date 
1 'Structure model' 1 0 2013-07-10 
2 'Structure model' 1 1 2013-09-11 
3 'Structure model' 1 2 2024-02-28 
# 
_pdbx_audit_revision_details.ordinal             1 
_pdbx_audit_revision_details.revision_ordinal    1 
_pdbx_audit_revision_details.data_content_type   'Structure model' 
_pdbx_audit_revision_details.provider            repository 
_pdbx_audit_revision_details.type                'Initial release' 
_pdbx_audit_revision_details.description         ? 
_pdbx_audit_revision_details.details             ? 
# 
loop_
_pdbx_audit_revision_group.ordinal 
_pdbx_audit_revision_group.revision_ordinal 
_pdbx_audit_revision_group.data_content_type 
_pdbx_audit_revision_group.group 
1 2 'Structure model' 'Database references'  
2 3 'Structure model' 'Data collection'      
3 3 'Structure model' 'Database references'  
4 3 'Structure model' 'Derived calculations' 
# 
loop_
_pdbx_audit_revision_category.ordinal 
_pdbx_audit_revision_category.revision_ordinal 
_pdbx_audit_revision_category.data_content_type 
_pdbx_audit_revision_category.category 
1 3 'Structure model' chem_comp_atom   
2 3 'Structure model' chem_comp_bond   
3 3 'Structure model' database_2       
4 3 'Structure model' struct_conn      
5 3 'Structure model' struct_conn_type 
6 3 'Structure model' struct_site      
# 
loop_
_pdbx_audit_revision_item.ordinal 
_pdbx_audit_revision_item.revision_ordinal 
_pdbx_audit_revision_item.data_content_type 
_pdbx_audit_revision_item.item 
1  3 'Structure model' '_database_2.pdbx_DOI'                
2  3 'Structure model' '_database_2.pdbx_database_accession' 
3  3 'Structure model' '_struct_conn.conn_type_id'           
4  3 'Structure model' '_struct_conn.id'                     
5  3 'Structure model' '_struct_conn.pdbx_dist_value'        
6  3 'Structure model' '_struct_conn.pdbx_leaving_atom_flag' 
7  3 'Structure model' '_struct_conn.ptnr1_auth_asym_id'     
8  3 'Structure model' '_struct_conn.ptnr1_auth_comp_id'     
9  3 'Structure model' '_struct_conn.ptnr1_auth_seq_id'      
10 3 'Structure model' '_struct_conn.ptnr1_label_asym_id'    
11 3 'Structure model' '_struct_conn.ptnr1_label_atom_id'    
12 3 'Structure model' '_struct_conn.ptnr1_label_comp_id'    
13 3 'Structure model' '_struct_conn.ptnr1_label_seq_id'     
14 3 'Structure model' '_struct_conn.ptnr2_auth_asym_id'     
15 3 'Structure model' '_struct_conn.ptnr2_auth_comp_id'     
16 3 'Structure model' '_struct_conn.ptnr2_auth_seq_id'      
17 3 'Structure model' '_struct_conn.ptnr2_label_asym_id'    
18 3 'Structure model' '_struct_conn.ptnr2_label_atom_id'    
19 3 'Structure model' '_struct_conn.ptnr2_label_comp_id'    
20 3 'Structure model' '_struct_conn.ptnr2_label_seq_id'     
21 3 'Structure model' '_struct_conn_type.id'                
22 3 'Structure model' '_struct_site.pdbx_auth_asym_id'      
23 3 'Structure model' '_struct_site.pdbx_auth_comp_id'      
24 3 'Structure model' '_struct_site.pdbx_auth_seq_id'       
# 
_pdbx_database_status.status_code                     REL 
_pdbx_database_status.entry_id                        4HQI 
_pdbx_database_status.recvd_initial_deposition_date   2012-10-25 
_pdbx_database_status.deposit_site                    RCSB 
_pdbx_database_status.process_site                    RCSB 
_pdbx_database_status.status_code_sf                  REL 
_pdbx_database_status.status_code_mr                  ? 
_pdbx_database_status.SG_entry                        ? 
_pdbx_database_status.status_code_cs                  ? 
_pdbx_database_status.methods_development_category    ? 
_pdbx_database_status.pdb_format_compatible           Y 
_pdbx_database_status.status_code_nmr_data            ? 
# 
loop_
_audit_author.name 
_audit_author.pdbx_ordinal 
'Kowal, E.A.'  1 
'Lad, R.'      2 
'Pallan, P.S.' 3 
'Muffly, E.'   4 
'Wawrzak, Z.'  5 
'Egli, M.'     6 
'Sturla, S.J.' 7 
'Stone, M.P.'  8 
# 
_citation.id                        primary 
_citation.title                     
;Recognition of O6-benzyl-2'-deoxyguanosine by a perimidinone-derived synthetic nucleoside: a DNA interstrand stacking interaction.
;
_citation.journal_abbrev            'Nucleic Acids Res.' 
_citation.journal_volume            41 
_citation.page_first                7566 
_citation.page_last                 7576 
_citation.year                      2013 
_citation.journal_id_ASTM           NARHAD 
_citation.country                   UK 
_citation.journal_id_ISSN           0305-1048 
_citation.journal_id_CSD            0389 
_citation.book_publisher            ? 
_citation.pdbx_database_id_PubMed   23748954 
_citation.pdbx_database_id_DOI      10.1093/nar/gkt488 
# 
loop_
_citation_author.citation_id 
_citation_author.name 
_citation_author.ordinal 
_citation_author.identifier_ORCID 
primary 'Kowal, E.A.'    1 ? 
primary 'Lad, R.R.'      2 ? 
primary 'Pallan, P.S.'   3 ? 
primary 'Dhummakupt, E.' 4 ? 
primary 'Wawrzak, Z.'    5 ? 
primary 'Egli, M.'       6 ? 
primary 'Sturla, S.J.'   7 ? 
primary 'Stone, M.P.'    8 ? 
# 
loop_
_entity.id 
_entity.type 
_entity.src_method 
_entity.pdbx_description 
_entity.formula_weight 
_entity.pdbx_number_of_molecules 
_entity.pdbx_ec 
_entity.pdbx_mutation 
_entity.pdbx_fragment 
_entity.details 
1 polymer     syn 'Short modified nucleic acids' 3826.607 2  ? ? ? ? 
2 non-polymer syn SPERMINE                       202.340  1  ? ? ? ? 
3 non-polymer syn 'STRONTIUM ION'                87.620   1  ? ? ? ? 
4 water       nat water                          18.015   49 ? ? ? ? 
# 
_entity_poly.entity_id                      1 
_entity_poly.type                           polydeoxyribonucleotide 
_entity_poly.nstd_linkage                   no 
_entity_poly.nstd_monomer                   yes 
_entity_poly.pdbx_seq_one_letter_code       '(DC)(DG)(DC)(BZG)(DA)(DA)(DT)(DT)(D3N)(DG)(DC)(DG)' 
_entity_poly.pdbx_seq_one_letter_code_can   CGCNAATTXGCG 
_entity_poly.pdbx_strand_id                 A,B 
_entity_poly.pdbx_target_identifier         ? 
# 
loop_
_pdbx_entity_nonpoly.entity_id 
_pdbx_entity_nonpoly.name 
_pdbx_entity_nonpoly.comp_id 
2 SPERMINE        SPM 
3 'STRONTIUM ION' SR  
4 water           HOH 
# 
loop_
_entity_poly_seq.entity_id 
_entity_poly_seq.num 
_entity_poly_seq.mon_id 
_entity_poly_seq.hetero 
1 1  DC  n 
1 2  DG  n 
1 3  DC  n 
1 4  BZG n 
1 5  DA  n 
1 6  DA  n 
1 7  DT  n 
1 8  DT  n 
1 9  D3N n 
1 10 DG  n 
1 11 DC  n 
1 12 DG  n 
# 
_pdbx_entity_src_syn.entity_id              1 
_pdbx_entity_src_syn.pdbx_src_id            1 
_pdbx_entity_src_syn.pdbx_alt_source_flag   sample 
_pdbx_entity_src_syn.pdbx_beg_seq_num       ? 
_pdbx_entity_src_syn.pdbx_end_seq_num       ? 
_pdbx_entity_src_syn.organism_scientific    'SYNTHETIC CONSTRUCT' 
_pdbx_entity_src_syn.organism_common_name   ? 
_pdbx_entity_src_syn.ncbi_taxonomy_id       32630 
_pdbx_entity_src_syn.details                'Chemically synthesized modified oligonucleotides' 
# 
loop_
_chem_comp.id 
_chem_comp.type 
_chem_comp.mon_nstd_flag 
_chem_comp.name 
_chem_comp.pdbx_synonyms 
_chem_comp.formula 
_chem_comp.formula_weight 
BZG 'DNA linking' . '6-(BENZYLOXY)-9-(2-DEOXY-5-O-PHOSPHONO-BETA-D-ERYTHRO-PENTOFURANOSYL)-9H-PURIN-2-AMINE' 
"O6-BENZYL-2'-DEOXYGUANOSINE-5'-MONOPHOSPHATE" 'C17 H20 N5 O7 P' 437.344 
D3N 'DNA linking' . '1-(2-deoxy-5-O-phosphono-beta-D-erythro-pentofuranosyl)-1H-perimidin-2(3H)-one'         ? 'C16 H17 N2 O7 P' 
380.289 
DA  'DNA linking' y "2'-DEOXYADENOSINE-5'-MONOPHOSPHATE"                                                     ? 'C10 H14 N5 O6 P' 
331.222 
DC  'DNA linking' y "2'-DEOXYCYTIDINE-5'-MONOPHOSPHATE"                                                      ? 'C9 H14 N3 O7 P'  
307.197 
DG  'DNA linking' y "2'-DEOXYGUANOSINE-5'-MONOPHOSPHATE"                                                     ? 'C10 H14 N5 O7 P' 
347.221 
DT  'DNA linking' y "THYMIDINE-5'-MONOPHOSPHATE"                                                             ? 'C10 H15 N2 O8 P' 
322.208 
HOH non-polymer   . WATER                                                                                    ? 'H2 O'            
18.015  
SPM non-polymer   . SPERMINE                                                                                 ? 'C10 H26 N4'      
202.340 
SR  non-polymer   . 'STRONTIUM ION'                                                                          ? 'Sr 2'            
87.620  
# 
loop_
_pdbx_poly_seq_scheme.asym_id 
_pdbx_poly_seq_scheme.entity_id 
_pdbx_poly_seq_scheme.seq_id 
_pdbx_poly_seq_scheme.mon_id 
_pdbx_poly_seq_scheme.ndb_seq_num 
_pdbx_poly_seq_scheme.pdb_seq_num 
_pdbx_poly_seq_scheme.auth_seq_num 
_pdbx_poly_seq_scheme.pdb_mon_id 
_pdbx_poly_seq_scheme.auth_mon_id 
_pdbx_poly_seq_scheme.pdb_strand_id 
_pdbx_poly_seq_scheme.pdb_ins_code 
_pdbx_poly_seq_scheme.hetero 
A 1 1  DC  1  1  ?  ?   ?   A . n 
A 1 2  DG  2  2  2  DG  DG  A . n 
A 1 3  DC  3  3  3  DC  DC  A . n 
A 1 4  BZG 4  4  4  BZG BZG A . n 
A 1 5  DA  5  5  5  DA  DA  A . n 
A 1 6  DA  6  6  6  DA  DA  A . n 
A 1 7  DT  7  7  7  DT  DT  A . n 
A 1 8  DT  8  8  8  DT  DT  A . n 
A 1 9  D3N 9  9  9  D3N D3N A . n 
A 1 10 DG  10 10 10 DG  DG  A . n 
A 1 11 DC  11 11 11 DC  DC  A . n 
A 1 12 DG  12 12 12 DG  DG  A . n 
B 1 1  DC  1  13 13 DC  DC  B . n 
B 1 2  DG  2  14 14 DG  DG  B . n 
B 1 3  DC  3  15 15 DC  DC  B . n 
B 1 4  BZG 4  16 16 BZG BZG B . n 
B 1 5  DA  5  17 17 DA  DA  B . n 
B 1 6  DA  6  18 18 DA  DA  B . n 
B 1 7  DT  7  19 19 DT  DT  B . n 
B 1 8  DT  8  20 20 DT  DT  B . n 
B 1 9  D3N 9  21 21 D3N D3N B . n 
B 1 10 DG  10 22 22 DG  DG  B . n 
B 1 11 DC  11 23 23 DC  DC  B . n 
B 1 12 DG  12 24 24 DG  DG  B . n 
# 
loop_
_pdbx_nonpoly_scheme.asym_id 
_pdbx_nonpoly_scheme.entity_id 
_pdbx_nonpoly_scheme.mon_id 
_pdbx_nonpoly_scheme.ndb_seq_num 
_pdbx_nonpoly_scheme.pdb_seq_num 
_pdbx_nonpoly_scheme.auth_seq_num 
_pdbx_nonpoly_scheme.pdb_mon_id 
_pdbx_nonpoly_scheme.auth_mon_id 
_pdbx_nonpoly_scheme.pdb_strand_id 
_pdbx_nonpoly_scheme.pdb_ins_code 
C 2 SPM 1  101 330 SPM SPM A . 
D 3 SR  1  102 1   SR  SR  A . 
E 4 HOH 1  201 4   HOH HOH A . 
E 4 HOH 2  202 7   HOH HOH A . 
E 4 HOH 3  203 11  HOH HOH A . 
E 4 HOH 4  204 12  HOH HOH A . 
E 4 HOH 5  205 13  HOH HOH A . 
E 4 HOH 6  206 19  HOH HOH A . 
E 4 HOH 7  207 20  HOH HOH A . 
E 4 HOH 8  208 21  HOH HOH A . 
E 4 HOH 9  209 22  HOH HOH A . 
E 4 HOH 10 210 23  HOH HOH A . 
E 4 HOH 11 211 24  HOH HOH A . 
E 4 HOH 12 212 25  HOH HOH A . 
E 4 HOH 13 213 26  HOH HOH A . 
E 4 HOH 14 214 28  HOH HOH A . 
E 4 HOH 15 215 30  HOH HOH A . 
E 4 HOH 16 216 31  HOH HOH A . 
E 4 HOH 17 217 32  HOH HOH A . 
E 4 HOH 18 218 33  HOH HOH A . 
E 4 HOH 19 219 34  HOH HOH A . 
E 4 HOH 20 220 35  HOH HOH A . 
E 4 HOH 21 221 37  HOH HOH A . 
E 4 HOH 22 222 38  HOH HOH A . 
E 4 HOH 23 223 39  HOH HOH A . 
E 4 HOH 24 224 41  HOH HOH A . 
E 4 HOH 25 225 44  HOH HOH A . 
E 4 HOH 26 226 48  HOH HOH A . 
E 4 HOH 27 227 49  HOH HOH A . 
E 4 HOH 28 228 50  HOH HOH A . 
F 4 HOH 1  101 2   HOH HOH B . 
F 4 HOH 2  102 3   HOH HOH B . 
F 4 HOH 3  103 5   HOH HOH B . 
F 4 HOH 4  104 6   HOH HOH B . 
F 4 HOH 5  105 8   HOH HOH B . 
F 4 HOH 6  106 9   HOH HOH B . 
F 4 HOH 7  107 10  HOH HOH B . 
F 4 HOH 8  108 14  HOH HOH B . 
F 4 HOH 9  109 15  HOH HOH B . 
F 4 HOH 10 110 16  HOH HOH B . 
F 4 HOH 11 111 17  HOH HOH B . 
F 4 HOH 12 112 18  HOH HOH B . 
F 4 HOH 13 113 27  HOH HOH B . 
F 4 HOH 14 114 29  HOH HOH B . 
F 4 HOH 15 115 36  HOH HOH B . 
F 4 HOH 16 116 40  HOH HOH B . 
F 4 HOH 17 117 42  HOH HOH B . 
F 4 HOH 18 118 43  HOH HOH B . 
F 4 HOH 19 119 45  HOH HOH B . 
F 4 HOH 20 120 46  HOH HOH B . 
F 4 HOH 21 121 47  HOH HOH B . 
# 
loop_
_pdbx_unobs_or_zero_occ_atoms.id 
_pdbx_unobs_or_zero_occ_atoms.PDB_model_num 
_pdbx_unobs_or_zero_occ_atoms.polymer_flag 
_pdbx_unobs_or_zero_occ_atoms.occupancy_flag 
_pdbx_unobs_or_zero_occ_atoms.auth_asym_id 
_pdbx_unobs_or_zero_occ_atoms.auth_comp_id 
_pdbx_unobs_or_zero_occ_atoms.auth_seq_id 
_pdbx_unobs_or_zero_occ_atoms.PDB_ins_code 
_pdbx_unobs_or_zero_occ_atoms.auth_atom_id 
_pdbx_unobs_or_zero_occ_atoms.label_alt_id 
_pdbx_unobs_or_zero_occ_atoms.label_asym_id 
_pdbx_unobs_or_zero_occ_atoms.label_comp_id 
_pdbx_unobs_or_zero_occ_atoms.label_seq_id 
_pdbx_unobs_or_zero_occ_atoms.label_atom_id 
1  1 Y 1 B DC 13 ? "O5'" ? B DC 1 "O5'" 
2  1 Y 1 B DC 13 ? "C5'" ? B DC 1 "C5'" 
3  1 Y 1 B DC 13 ? "C4'" ? B DC 1 "C4'" 
4  1 Y 1 B DC 13 ? "O4'" ? B DC 1 "O4'" 
5  1 Y 1 B DC 13 ? "C3'" ? B DC 1 "C3'" 
6  1 Y 1 B DC 13 ? "C2'" ? B DC 1 "C2'" 
7  1 Y 1 B DC 13 ? "C1'" ? B DC 1 "C1'" 
8  1 Y 1 B DC 13 ? N1    ? B DC 1 N1    
9  1 Y 1 B DC 13 ? C2    ? B DC 1 C2    
10 1 Y 1 B DC 13 ? O2    ? B DC 1 O2    
11 1 Y 1 B DC 13 ? N3    ? B DC 1 N3    
12 1 Y 1 B DC 13 ? C4    ? B DC 1 C4    
13 1 Y 1 B DC 13 ? N4    ? B DC 1 N4    
14 1 Y 1 B DC 13 ? C5    ? B DC 1 C5    
15 1 Y 1 B DC 13 ? C6    ? B DC 1 C6    
# 
loop_
_software.name 
_software.classification 
_software.version 
_software.citation_id 
_software.pdbx_ordinal 
MD2      'data collection' 'diffractometer software from EMBL (with LS-CAT developed extensions)' ? 1 
PHENIX   'model building'  .                                                                      ? 2 
REFMAC   refinement        5.7.0029                                                               ? 3 
HKL-2000 'data reduction'  .                                                                      ? 4 
HKL-2000 'data scaling'    .                                                                      ? 5 
PHENIX   phasing           .                                                                      ? 6 
# 
_cell.entry_id           4HQI 
_cell.length_a           26.384 
_cell.length_b           36.774 
_cell.length_c           77.653 
_cell.angle_alpha        90.00 
_cell.angle_beta         90.00 
_cell.angle_gamma        90.00 
_cell.Z_PDB              8 
_cell.pdbx_unique_axis   ? 
_cell.length_a_esd       ? 
_cell.length_b_esd       ? 
_cell.length_c_esd       ? 
_cell.angle_alpha_esd    ? 
_cell.angle_beta_esd     ? 
_cell.angle_gamma_esd    ? 
# 
_symmetry.entry_id                         4HQI 
_symmetry.space_group_name_H-M             'P 21 21 21' 
_symmetry.pdbx_full_space_group_name_H-M   ? 
_symmetry.cell_setting                     ? 
_symmetry.Int_Tables_number                19 
_symmetry.space_group_name_Hall            ? 
# 
_exptl.entry_id          4HQI 
_exptl.method            'X-RAY DIFFRACTION' 
_exptl.crystals_number   2 
# 
loop_
_exptl_crystal.id 
_exptl_crystal.density_meas 
_exptl_crystal.density_Matthews 
_exptl_crystal.density_percent_sol 
_exptl_crystal.description 
_exptl_crystal.F_000 
_exptl_crystal.preparation 
1 ? 2.46 50.02 ? ? ? 
2 ? ?    ?     ? ? ? 
# 
loop_
_exptl_crystal_grow.crystal_id 
_exptl_crystal_grow.method 
_exptl_crystal_grow.temp 
_exptl_crystal_grow.temp_details 
_exptl_crystal_grow.pH 
_exptl_crystal_grow.pdbx_details 
_exptl_crystal_grow.pdbx_pH_range 
1 'VAPOR DIFFUSION, HANGING DROP' 291 ? 7.0 
;20 mM sodium cacodylate (pH 7.0), 6 mM spermine tetra-HCl, 20 mM LiCl, 40 mM SrCl2 and  5% v/v 2-Methyl-2,4-pentanediol (MPD), VAPOR DIFFUSION, HANGING DROP, temperature 291K
;
? 
2 'VAPOR DIFFUSION, HANGING DROP' 291 ? 7.0 
;20 mM sodium cacodylate (pH 7.0), 6 mM spermine tetra-HCl, 40 mM KCl, 10 mM BaCl2 and  5% v/v 2-Methyl-2,4-pentanediol (MPD), VAPOR DIFFUSION, HANGING DROP, temperature 291K
;
? 
# 
loop_
_diffrn.id 
_diffrn.ambient_temp 
_diffrn.ambient_temp_details 
_diffrn.crystal_id 
1 100 ? 1 
2 100 ? 2 
# 
loop_
_diffrn_detector.diffrn_id 
_diffrn_detector.detector 
_diffrn_detector.type 
_diffrn_detector.pdbx_collection_date 
_diffrn_detector.details 
1 CCD 'MARMOSAIC 300 mm CCD' 2009-07-17 'Si(111)' 
2 CCD 'MARMOSAIC 300 mm CCD' 2008-07-18 'C(111)'  
# 
loop_
_diffrn_radiation.diffrn_id 
_diffrn_radiation.wavelength_id 
_diffrn_radiation.pdbx_monochromatic_or_laue_m_l 
_diffrn_radiation.monochromator 
_diffrn_radiation.pdbx_diffrn_protocol 
_diffrn_radiation.pdbx_scattering_type 
1 1 M 'Si(111)' 'SINGLE WAVELENGTH' x-ray 
2 1 M 'C(111)'  'SINGLE WAVELENGTH' x-ray 
# 
loop_
_diffrn_radiation_wavelength.id 
_diffrn_radiation_wavelength.wavelength 
_diffrn_radiation_wavelength.wt 
1 1.60499 1.0 
2 0.97857 1.0 
# 
loop_
_diffrn_source.diffrn_id 
_diffrn_source.source 
_diffrn_source.type 
_diffrn_source.pdbx_synchrotron_site 
_diffrn_source.pdbx_synchrotron_beamline 
_diffrn_source.pdbx_wavelength 
_diffrn_source.pdbx_wavelength_list 
1 SYNCHROTRON 'APS BEAMLINE 21-ID-D' APS 21-ID-D ? 1.60499 
2 SYNCHROTRON 'APS BEAMLINE 21-ID-G' APS 21-ID-G ? 0.97857 
# 
_reflns.entry_id                     4HQI 
_reflns.observed_criterion_sigma_I   5 
_reflns.observed_criterion_sigma_F   ? 
_reflns.d_resolution_low             30.0 
_reflns.d_resolution_high            1.70 
_reflns.number_obs                   8236 
_reflns.number_all                   8811 
_reflns.percent_possible_obs         93.4 
_reflns.pdbx_Rmerge_I_obs            0.044 
_reflns.pdbx_Rsym_value              ? 
_reflns.pdbx_netI_over_sigmaI        52.33 
_reflns.B_iso_Wilson_estimate        ? 
_reflns.pdbx_redundancy              6.4 
_reflns.R_free_details               ? 
_reflns.limit_h_max                  ? 
_reflns.limit_h_min                  ? 
_reflns.limit_k_max                  ? 
_reflns.limit_k_min                  ? 
_reflns.limit_l_max                  ? 
_reflns.limit_l_min                  ? 
_reflns.observed_criterion_F_max     ? 
_reflns.observed_criterion_F_min     ? 
_reflns.pdbx_chi_squared             ? 
_reflns.pdbx_scaling_rejects         ? 
_reflns.pdbx_ordinal                 1 
_reflns.pdbx_diffrn_id               1,2 
# 
_reflns_shell.d_res_high             1.70 
_reflns_shell.d_res_low              1.76 
_reflns_shell.percent_possible_all   ? 
_reflns_shell.Rmerge_I_obs           0.228 
_reflns_shell.pdbx_Rsym_value        ? 
_reflns_shell.meanI_over_sigI_obs    5.65 
_reflns_shell.pdbx_redundancy        4 
_reflns_shell.percent_possible_obs   ? 
_reflns_shell.number_unique_all      524 
_reflns_shell.number_measured_all    ? 
_reflns_shell.number_measured_obs    ? 
_reflns_shell.number_unique_obs      ? 
_reflns_shell.pdbx_chi_squared       ? 
_reflns_shell.pdbx_ordinal           1 
_reflns_shell.pdbx_diffrn_id         1,2 
# 
_refine.entry_id                                 4HQI 
_refine.ls_number_reflns_obs                     7486 
_refine.ls_number_reflns_all                     ? 
_refine.pdbx_ls_sigma_I                          ? 
_refine.pdbx_ls_sigma_F                          ? 
_refine.pdbx_data_cutoff_high_absF               ? 
_refine.pdbx_data_cutoff_low_absF                ? 
_refine.pdbx_data_cutoff_high_rms_absF           ? 
_refine.ls_d_res_low                             20.67 
_refine.ls_d_res_high                            1.70 
_refine.ls_percent_reflns_obs                    93.39 
_refine.ls_R_factor_obs                          0.26227 
_refine.ls_R_factor_all                          ? 
_refine.ls_R_factor_R_work                       0.25885 
_refine.ls_R_factor_R_free                       0.29823 
_refine.ls_R_factor_R_free_error                 ? 
_refine.ls_R_factor_R_free_error_details         ? 
_refine.ls_percent_reflns_R_free                 8.9 
_refine.ls_number_reflns_R_free                  734 
_refine.ls_number_parameters                     ? 
_refine.ls_number_restraints                     ? 
_refine.occupancy_min                            ? 
_refine.occupancy_max                            ? 
_refine.correlation_coeff_Fo_to_Fc               0.954 
_refine.correlation_coeff_Fo_to_Fc_free          0.940 
_refine.B_iso_mean                               44.140 
_refine.aniso_B[1][1]                            3.33 
_refine.aniso_B[2][2]                            1.38 
_refine.aniso_B[3][3]                            -4.71 
_refine.aniso_B[1][2]                            -0.00 
_refine.aniso_B[1][3]                            -0.00 
_refine.aniso_B[2][3]                            0.00 
_refine.solvent_model_details                    MASK 
_refine.solvent_model_param_ksol                 ? 
_refine.solvent_model_param_bsol                 ? 
_refine.pdbx_solvent_vdw_probe_radii             1.20 
_refine.pdbx_solvent_ion_probe_radii             0.80 
_refine.pdbx_solvent_shrinkage_radii             0.80 
_refine.pdbx_ls_cross_valid_method               THROUGHOUT 
_refine.details                                  ? 
_refine.pdbx_starting_model                      ? 
_refine.pdbx_method_to_determine_struct          SAD 
_refine.pdbx_isotropic_thermal_model             ? 
_refine.pdbx_stereochemistry_target_values       'MAXIMUM LIKELIHOOD' 
_refine.pdbx_stereochem_target_val_spec_case     ? 
_refine.pdbx_R_Free_selection_details            RANDOM 
_refine.pdbx_overall_ESU_R                       0.149 
_refine.pdbx_overall_ESU_R_Free                  0.144 
_refine.overall_SU_ML                            0.130 
_refine.pdbx_overall_phase_error                 ? 
_refine.overall_SU_B                             4.224 
_refine.overall_SU_R_Cruickshank_DPI             ? 
_refine.ls_redundancy_reflns_obs                 ? 
_refine.B_iso_min                                ? 
_refine.B_iso_max                                ? 
_refine.overall_SU_R_free                        ? 
_refine.ls_wR_factor_R_free                      ? 
_refine.ls_wR_factor_R_work                      ? 
_refine.overall_FOM_free_R_set                   ? 
_refine.overall_FOM_work_R_set                   ? 
_refine.pdbx_diffrn_id                           1,2 
_refine.pdbx_refine_id                           'X-RAY DIFFRACTION' 
_refine.pdbx_TLS_residual_ADP_flag               ? 
_refine.pdbx_overall_SU_R_free_Cruickshank_DPI   ? 
_refine.pdbx_overall_SU_R_Blow_DPI               ? 
_refine.pdbx_overall_SU_R_free_Blow_DPI          ? 
# 
_refine_hist.pdbx_refine_id                   'X-RAY DIFFRACTION' 
_refine_hist.cycle_id                         LAST 
_refine_hist.pdbx_number_atoms_protein        0 
_refine_hist.pdbx_number_atoms_nucleic_acid   481 
_refine_hist.pdbx_number_atoms_ligand         15 
_refine_hist.number_atoms_solvent             49 
_refine_hist.number_atoms_total               545 
_refine_hist.d_res_high                       1.70 
_refine_hist.d_res_low                        20.67 
# 
loop_
_refine_ls_restr.type 
_refine_ls_restr.dev_ideal 
_refine_ls_restr.dev_ideal_target 
_refine_ls_restr.weight 
_refine_ls_restr.number 
_refine_ls_restr.pdbx_restraint_function 
_refine_ls_restr.pdbx_refine_id 
r_bond_refined_d     0.011 0.013 ? 554 ? 'X-RAY DIFFRACTION' 
r_angle_refined_deg  1.652 1.578 ? 833 ? 'X-RAY DIFFRACTION' 
r_chiral_restr       0.125 0.200 ? 66  ? 'X-RAY DIFFRACTION' 
r_gen_planes_refined 0.023 0.020 ? 260 ? 'X-RAY DIFFRACTION' 
# 
_refine_ls_shell.pdbx_total_number_of_bins_used   20 
_refine_ls_shell.d_res_high                       1.70 
_refine_ls_shell.d_res_low                        1.745 
_refine_ls_shell.number_reflns_R_work             338 
_refine_ls_shell.R_factor_R_work                  0.336 
_refine_ls_shell.percent_reflns_obs               57.01 
_refine_ls_shell.R_factor_R_free                  0.336 
_refine_ls_shell.R_factor_R_free_error            ? 
_refine_ls_shell.percent_reflns_R_free            ? 
_refine_ls_shell.number_reflns_R_free             36 
_refine_ls_shell.number_reflns_all                ? 
_refine_ls_shell.R_factor_all                     ? 
_refine_ls_shell.number_reflns_obs                ? 
_refine_ls_shell.redundancy_reflns_obs            ? 
_refine_ls_shell.pdbx_refine_id                   'X-RAY DIFFRACTION' 
# 
_struct.entry_id                  4HQI 
_struct.title                     
;Structure of O6-Benzyl-2'-deoxyguanosine opposite perimidinone-derived synthetic nucleoside in DNA duplex
;
_struct.pdbx_model_details        ? 
_struct.pdbx_CASP_flag            ? 
_struct.pdbx_model_type_details   ? 
# 
_struct_keywords.entry_id        4HQI 
_struct_keywords.pdbx_keywords   DNA 
_struct_keywords.text            
;B-form DNA, O6-Benzyl-2'-deoxyguanosine, dPer, Perimidinone-Derived Nucleoside, Dickerson-Drew Dodecamer, DNA
;
# 
loop_
_struct_asym.id 
_struct_asym.pdbx_blank_PDB_chainid_flag 
_struct_asym.pdbx_modified 
_struct_asym.entity_id 
_struct_asym.details 
A N N 1 ? 
B N N 1 ? 
C N N 2 ? 
D N N 3 ? 
E N N 4 ? 
F N N 4 ? 
# 
_struct_ref.id                         1 
_struct_ref.db_name                    PDB 
_struct_ref.db_code                    4HQI 
_struct_ref.pdbx_db_accession          4HQI 
_struct_ref.entity_id                  1 
_struct_ref.pdbx_align_begin           ? 
_struct_ref.pdbx_seq_one_letter_code   ? 
_struct_ref.pdbx_db_isoform            ? 
# 
loop_
_struct_ref_seq.align_id 
_struct_ref_seq.ref_id 
_struct_ref_seq.pdbx_PDB_id_code 
_struct_ref_seq.pdbx_strand_id 
_struct_ref_seq.seq_align_beg 
_struct_ref_seq.pdbx_seq_align_beg_ins_code 
_struct_ref_seq.seq_align_end 
_struct_ref_seq.pdbx_seq_align_end_ins_code 
_struct_ref_seq.pdbx_db_accession 
_struct_ref_seq.db_align_beg 
_struct_ref_seq.pdbx_db_align_beg_ins_code 
_struct_ref_seq.db_align_end 
_struct_ref_seq.pdbx_db_align_end_ins_code 
_struct_ref_seq.pdbx_auth_seq_align_beg 
_struct_ref_seq.pdbx_auth_seq_align_end 
1 1 4HQI A 1 ? 12 ? 4HQI 1  ? 12 ? 1  12 
2 1 4HQI B 1 ? 12 ? 4HQI 13 ? 24 ? 13 24 
# 
_pdbx_struct_assembly.id                   1 
_pdbx_struct_assembly.details              author_and_software_defined_assembly 
_pdbx_struct_assembly.method_details       PISA 
_pdbx_struct_assembly.oligomeric_details   dimeric 
_pdbx_struct_assembly.oligomeric_count     2 
# 
loop_
_pdbx_struct_assembly_prop.biol_id 
_pdbx_struct_assembly_prop.type 
_pdbx_struct_assembly_prop.value 
_pdbx_struct_assembly_prop.details 
1 'ABSA (A^2)' 1890 ? 
1 MORE         -24  ? 
1 'SSA (A^2)'  4860 ? 
# 
_pdbx_struct_assembly_gen.assembly_id       1 
_pdbx_struct_assembly_gen.oper_expression   1 
_pdbx_struct_assembly_gen.asym_id_list      A,B,C,D,E,F 
# 
_pdbx_struct_oper_list.id                   1 
_pdbx_struct_oper_list.type                 'identity operation' 
_pdbx_struct_oper_list.name                 1_555 
_pdbx_struct_oper_list.symmetry_operation   x,y,z 
_pdbx_struct_oper_list.matrix[1][1]         1.0000000000 
_pdbx_struct_oper_list.matrix[1][2]         0.0000000000 
_pdbx_struct_oper_list.matrix[1][3]         0.0000000000 
_pdbx_struct_oper_list.vector[1]            0.0000000000 
_pdbx_struct_oper_list.matrix[2][1]         0.0000000000 
_pdbx_struct_oper_list.matrix[2][2]         1.0000000000 
_pdbx_struct_oper_list.matrix[2][3]         0.0000000000 
_pdbx_struct_oper_list.vector[2]            0.0000000000 
_pdbx_struct_oper_list.matrix[3][1]         0.0000000000 
_pdbx_struct_oper_list.matrix[3][2]         0.0000000000 
_pdbx_struct_oper_list.matrix[3][3]         1.0000000000 
_pdbx_struct_oper_list.vector[3]            0.0000000000 
# 
_struct_biol.id        1 
_struct_biol.details   ? 
# 
loop_
_struct_conn.id 
_struct_conn.conn_type_id 
_struct_conn.pdbx_leaving_atom_flag 
_struct_conn.pdbx_PDB_id 
_struct_conn.ptnr1_label_asym_id 
_struct_conn.ptnr1_label_comp_id 
_struct_conn.ptnr1_label_seq_id 
_struct_conn.ptnr1_label_atom_id 
_struct_conn.pdbx_ptnr1_label_alt_id 
_struct_conn.pdbx_ptnr1_PDB_ins_code 
_struct_conn.pdbx_ptnr1_standard_comp_id 
_struct_conn.ptnr1_symmetry 
_struct_conn.ptnr2_label_asym_id 
_struct_conn.ptnr2_label_comp_id 
_struct_conn.ptnr2_label_seq_id 
_struct_conn.ptnr2_label_atom_id 
_struct_conn.pdbx_ptnr2_label_alt_id 
_struct_conn.pdbx_ptnr2_PDB_ins_code 
_struct_conn.ptnr1_auth_asym_id 
_struct_conn.ptnr1_auth_comp_id 
_struct_conn.ptnr1_auth_seq_id 
_struct_conn.ptnr2_auth_asym_id 
_struct_conn.ptnr2_auth_comp_id 
_struct_conn.ptnr2_auth_seq_id 
_struct_conn.ptnr2_symmetry 
_struct_conn.pdbx_ptnr3_label_atom_id 
_struct_conn.pdbx_ptnr3_label_seq_id 
_struct_conn.pdbx_ptnr3_label_comp_id 
_struct_conn.pdbx_ptnr3_label_asym_id 
_struct_conn.pdbx_ptnr3_label_alt_id 
_struct_conn.pdbx_ptnr3_PDB_ins_code 
_struct_conn.details 
_struct_conn.pdbx_dist_value 
_struct_conn.pdbx_value_order 
_struct_conn.pdbx_role 
covale1  covale both ? A DC 3  "O3'" ? ? ? 1_555 A BZG 4  P  ? ? A DC 3  A BZG 4   1_555 ? ? ? ? ? ? ?            1.586 ? ? 
covale2  covale both ? A DT 8  "O3'" ? ? ? 1_555 A D3N 9  P  ? ? A DT 8  A D3N 9   1_555 ? ? ? ? ? ? ?            1.578 ? ? 
covale3  covale both ? B DC 3  "O3'" ? ? ? 1_555 B BZG 4  P  ? ? B DC 15 B BZG 16  1_555 ? ? ? ? ? ? ?            1.595 ? ? 
covale4  covale both ? B DT 8  "O3'" ? ? ? 1_555 B D3N 9  P  ? ? B DT 20 B D3N 21  1_555 ? ? ? ? ? ? ?            1.591 ? ? 
metalc1  metalc ?    ? A DG 12 O6    ? ? ? 1_555 D SR  .  SR ? ? A DG 12 A SR  102 1_555 ? ? ? ? ? ? ?            2.690 ? ? 
hydrog1  hydrog ?    ? A DG 2  N1    ? ? ? 1_555 B DC  11 N3 ? ? A DG 2  B DC  23  1_555 ? ? ? ? ? ? WATSON-CRICK ?     ? ? 
hydrog2  hydrog ?    ? A DG 2  N2    ? ? ? 1_555 B DC  11 O2 ? ? A DG 2  B DC  23  1_555 ? ? ? ? ? ? WATSON-CRICK ?     ? ? 
hydrog3  hydrog ?    ? A DG 2  O6    ? ? ? 1_555 B DC  11 N4 ? ? A DG 2  B DC  23  1_555 ? ? ? ? ? ? WATSON-CRICK ?     ? ? 
hydrog4  hydrog ?    ? A DC 3  N3    ? ? ? 1_555 B DG  10 N1 ? ? A DC 3  B DG  22  1_555 ? ? ? ? ? ? WATSON-CRICK ?     ? ? 
hydrog5  hydrog ?    ? A DC 3  N4    ? ? ? 1_555 B DG  10 O6 ? ? A DC 3  B DG  22  1_555 ? ? ? ? ? ? WATSON-CRICK ?     ? ? 
hydrog6  hydrog ?    ? A DC 3  O2    ? ? ? 1_555 B DG  10 N2 ? ? A DC 3  B DG  22  1_555 ? ? ? ? ? ? WATSON-CRICK ?     ? ? 
hydrog7  hydrog ?    ? A DA 5  N1    ? ? ? 1_555 B DT  8  N3 ? ? A DA 5  B DT  20  1_555 ? ? ? ? ? ? WATSON-CRICK ?     ? ? 
hydrog8  hydrog ?    ? A DA 5  N6    ? ? ? 1_555 B DT  8  O4 ? ? A DA 5  B DT  20  1_555 ? ? ? ? ? ? WATSON-CRICK ?     ? ? 
hydrog9  hydrog ?    ? A DA 6  N1    ? ? ? 1_555 B DT  7  N3 ? ? A DA 6  B DT  19  1_555 ? ? ? ? ? ? WATSON-CRICK ?     ? ? 
hydrog10 hydrog ?    ? A DA 6  N6    ? ? ? 1_555 B DT  7  O4 ? ? A DA 6  B DT  19  1_555 ? ? ? ? ? ? WATSON-CRICK ?     ? ? 
hydrog11 hydrog ?    ? A DT 7  N3    ? ? ? 1_555 B DA  6  N1 ? ? A DT 7  B DA  18  1_555 ? ? ? ? ? ? WATSON-CRICK ?     ? ? 
hydrog12 hydrog ?    ? A DT 7  O4    ? ? ? 1_555 B DA  6  N6 ? ? A DT 7  B DA  18  1_555 ? ? ? ? ? ? WATSON-CRICK ?     ? ? 
hydrog13 hydrog ?    ? A DT 8  N3    ? ? ? 1_555 B DA  5  N1 ? ? A DT 8  B DA  17  1_555 ? ? ? ? ? ? WATSON-CRICK ?     ? ? 
hydrog14 hydrog ?    ? A DT 8  O4    ? ? ? 1_555 B DA  5  N6 ? ? A DT 8  B DA  17  1_555 ? ? ? ? ? ? WATSON-CRICK ?     ? ? 
hydrog15 hydrog ?    ? A DG 10 N1    ? ? ? 1_555 B DC  3  N3 ? ? A DG 10 B DC  15  1_555 ? ? ? ? ? ? WATSON-CRICK ?     ? ? 
hydrog16 hydrog ?    ? A DG 10 N2    ? ? ? 1_555 B DC  3  O2 ? ? A DG 10 B DC  15  1_555 ? ? ? ? ? ? WATSON-CRICK ?     ? ? 
hydrog17 hydrog ?    ? A DG 10 O6    ? ? ? 1_555 B DC  3  N4 ? ? A DG 10 B DC  15  1_555 ? ? ? ? ? ? WATSON-CRICK ?     ? ? 
hydrog18 hydrog ?    ? A DC 11 N3    ? ? ? 1_555 B DG  2  N1 ? ? A DC 11 B DG  14  1_555 ? ? ? ? ? ? WATSON-CRICK ?     ? ? 
hydrog19 hydrog ?    ? A DC 11 N4    ? ? ? 1_555 B DG  2  O6 ? ? A DC 11 B DG  14  1_555 ? ? ? ? ? ? WATSON-CRICK ?     ? ? 
hydrog20 hydrog ?    ? A DC 11 O2    ? ? ? 1_555 B DG  2  N2 ? ? A DC 11 B DG  14  1_555 ? ? ? ? ? ? WATSON-CRICK ?     ? ? 
# 
loop_
_struct_conn_type.id 
_struct_conn_type.criteria 
_struct_conn_type.reference 
covale ? ? 
metalc ? ? 
hydrog ? ? 
# 
loop_
_struct_site.id 
_struct_site.pdbx_evidence_code 
_struct_site.pdbx_auth_asym_id 
_struct_site.pdbx_auth_comp_id 
_struct_site.pdbx_auth_seq_id 
_struct_site.pdbx_auth_ins_code 
_struct_site.pdbx_num_residues 
_struct_site.details 
AC1 Software A SPM 101 ? 6 'BINDING SITE FOR RESIDUE SPM A 101' 
AC2 Software A SR  102 ? 1 'BINDING SITE FOR RESIDUE SR A 102'  
# 
loop_
_struct_site_gen.id 
_struct_site_gen.site_id 
_struct_site_gen.pdbx_num_res 
_struct_site_gen.label_comp_id 
_struct_site_gen.label_asym_id 
_struct_site_gen.label_seq_id 
_struct_site_gen.pdbx_auth_ins_code 
_struct_site_gen.auth_comp_id 
_struct_site_gen.auth_asym_id 
_struct_site_gen.auth_seq_id 
_struct_site_gen.label_atom_id 
_struct_site_gen.label_alt_id 
_struct_site_gen.symmetry 
_struct_site_gen.details 
1 AC1 6 DG  A 2  ? DG  A 2  . ? 1_555 ? 
2 AC1 6 D3N A 9  ? D3N A 9  . ? 2_555 ? 
3 AC1 6 D3N A 9  ? D3N A 9  . ? 3_645 ? 
4 AC1 6 DG  A 10 ? DG  A 10 . ? 2_555 ? 
5 AC1 6 DG  B 2  ? DG  B 14 . ? 2_555 ? 
6 AC1 6 DG  B 10 ? DG  B 22 . ? 1_555 ? 
7 AC2 1 DG  A 12 ? DG  A 12 . ? 1_555 ? 
# 
loop_
_pdbx_validate_close_contact.id 
_pdbx_validate_close_contact.PDB_model_num 
_pdbx_validate_close_contact.auth_atom_id_1 
_pdbx_validate_close_contact.auth_asym_id_1 
_pdbx_validate_close_contact.auth_comp_id_1 
_pdbx_validate_close_contact.auth_seq_id_1 
_pdbx_validate_close_contact.PDB_ins_code_1 
_pdbx_validate_close_contact.label_alt_id_1 
_pdbx_validate_close_contact.auth_atom_id_2 
_pdbx_validate_close_contact.auth_asym_id_2 
_pdbx_validate_close_contact.auth_comp_id_2 
_pdbx_validate_close_contact.auth_seq_id_2 
_pdbx_validate_close_contact.PDB_ins_code_2 
_pdbx_validate_close_contact.label_alt_id_2 
_pdbx_validate_close_contact.dist 
1 1 O A HOH 225 ? ? O A HOH 226 ? ? 2.09 
2 1 O B HOH 103 ? ? O B HOH 104 ? ? 2.19 
# 
_pdbx_validate_rmsd_angle.id                         1 
_pdbx_validate_rmsd_angle.PDB_model_num              1 
_pdbx_validate_rmsd_angle.auth_atom_id_1             "C1'" 
_pdbx_validate_rmsd_angle.auth_asym_id_1             A 
_pdbx_validate_rmsd_angle.auth_comp_id_1             DC 
_pdbx_validate_rmsd_angle.auth_seq_id_1              3 
_pdbx_validate_rmsd_angle.PDB_ins_code_1             ? 
_pdbx_validate_rmsd_angle.label_alt_id_1             ? 
_pdbx_validate_rmsd_angle.auth_atom_id_2             "O4'" 
_pdbx_validate_rmsd_angle.auth_asym_id_2             A 
_pdbx_validate_rmsd_angle.auth_comp_id_2             DC 
_pdbx_validate_rmsd_angle.auth_seq_id_2              3 
_pdbx_validate_rmsd_angle.PDB_ins_code_2             ? 
_pdbx_validate_rmsd_angle.label_alt_id_2             ? 
_pdbx_validate_rmsd_angle.auth_atom_id_3             "C4'" 
_pdbx_validate_rmsd_angle.auth_asym_id_3             A 
_pdbx_validate_rmsd_angle.auth_comp_id_3             DC 
_pdbx_validate_rmsd_angle.auth_seq_id_3              3 
_pdbx_validate_rmsd_angle.PDB_ins_code_3             ? 
_pdbx_validate_rmsd_angle.label_alt_id_3             ? 
_pdbx_validate_rmsd_angle.angle_value                103.88 
_pdbx_validate_rmsd_angle.angle_target_value         110.10 
_pdbx_validate_rmsd_angle.angle_deviation            -6.22 
_pdbx_validate_rmsd_angle.angle_standard_deviation   1.00 
_pdbx_validate_rmsd_angle.linker_flag                N 
# 
_pdbx_unobs_or_zero_occ_residues.id               1 
_pdbx_unobs_or_zero_occ_residues.PDB_model_num    1 
_pdbx_unobs_or_zero_occ_residues.polymer_flag     Y 
_pdbx_unobs_or_zero_occ_residues.occupancy_flag   1 
_pdbx_unobs_or_zero_occ_residues.auth_asym_id     A 
_pdbx_unobs_or_zero_occ_residues.auth_comp_id     DC 
_pdbx_unobs_or_zero_occ_residues.auth_seq_id      1 
_pdbx_unobs_or_zero_occ_residues.PDB_ins_code     ? 
_pdbx_unobs_or_zero_occ_residues.label_asym_id    A 
_pdbx_unobs_or_zero_occ_residues.label_comp_id    DC 
_pdbx_unobs_or_zero_occ_residues.label_seq_id     1 
# 
loop_
_chem_comp_atom.comp_id 
_chem_comp_atom.atom_id 
_chem_comp_atom.type_symbol 
_chem_comp_atom.pdbx_aromatic_flag 
_chem_comp_atom.pdbx_stereo_config 
_chem_comp_atom.pdbx_ordinal 
BZG P      P  N N 1   
BZG O1P    O  N N 2   
BZG O2P    O  N N 3   
BZG "O5'"  O  N N 4   
BZG CZ1    C  Y N 5   
BZG CT1    C  Y N 6   
BZG CI     C  Y N 7   
BZG CT2    C  Y N 8   
BZG CZ2    C  Y N 9   
BZG CE     C  Y N 10  
BZG CW     C  N N 11  
BZG OL     O  N N 12  
BZG CK     C  Y N 13  
BZG NJ     N  Y N 14  
BZG CH     C  Y N 15  
BZG NI     N  N N 16  
BZG NG     N  Y N 17  
BZG CF     C  Y N 18  
BZG CM     C  Y N 19  
BZG NN     N  Y N 20  
BZG CO     C  Y N 21  
BZG NE     N  Y N 22  
BZG "CT'"  C  N R 23  
BZG "OS'"  O  N N 24  
BZG "CP'"  C  N N 25  
BZG "C5'"  C  N N 26  
BZG "C4'"  C  N R 27  
BZG "C3'"  C  N S 28  
BZG "O3'"  O  N N 29  
BZG OXT    O  N N 30  
BZG H1P    H  N N 31  
BZG HOT    H  N N 32  
BZG "H5'1" H  N N 33  
BZG "H5'2" H  N N 34  
BZG HZ1    H  N N 35  
BZG HT1    H  N N 36  
BZG HI     H  N N 37  
BZG HT2    H  N N 38  
BZG HZ2    H  N N 39  
BZG HWC1   H  N N 40  
BZG HWC2   H  N N 41  
BZG HIN1   H  N N 42  
BZG HIN2   H  N N 43  
BZG HO     H  N N 44  
BZG "HT'"  H  N N 45  
BZG "HP'1" H  N N 46  
BZG "HP'2" H  N N 47  
BZG "H4'"  H  N N 48  
BZG "H3'"  H  N N 49  
BZG HA     H  N N 50  
D3N O1P    O  N N 51  
D3N P      P  N N 52  
D3N O2P    O  N N 53  
D3N "O5'"  O  N N 54  
D3N "C5'"  C  N N 55  
D3N "C4'"  C  N R 56  
D3N "O4'"  O  N N 57  
D3N "C3'"  C  N S 58  
D3N "O3'"  O  N N 59  
D3N "C2'"  C  N N 60  
D3N "C1'"  C  N R 61  
D3N N1     N  N N 62  
D3N C2     C  N N 63  
D3N O2     O  N N 64  
D3N N3     N  N N 65  
D3N C4     C  Y N 66  
D3N C5     C  Y N 67  
D3N C6     C  Y N 68  
D3N C7     C  Y N 69  
D3N C8     C  Y N 70  
D3N C9     C  Y N 71  
D3N C10    C  Y N 72  
D3N C11    C  Y N 73  
D3N C12    C  Y N 74  
D3N C13    C  Y N 75  
D3N H1     H  N N 76  
D3N H3     H  N N 77  
D3N H4     H  N N 78  
D3N H5     H  N N 79  
D3N H6     H  N N 80  
D3N H7     H  N N 81  
D3N H8     H  N N 82  
D3N H9     H  N N 83  
D3N H10    H  N N 84  
D3N H11    H  N N 85  
D3N H12    H  N N 86  
D3N H13    H  N N 87  
D3N H14    H  N N 88  
D3N H15    H  N N 89  
D3N H16    H  N N 90  
D3N H17    H  N N 91  
D3N OP3    O  N N 92  
D3N H2     H  N N 93  
DA  OP3    O  N N 94  
DA  P      P  N N 95  
DA  OP1    O  N N 96  
DA  OP2    O  N N 97  
DA  "O5'"  O  N N 98  
DA  "C5'"  C  N N 99  
DA  "C4'"  C  N R 100 
DA  "O4'"  O  N N 101 
DA  "C3'"  C  N S 102 
DA  "O3'"  O  N N 103 
DA  "C2'"  C  N N 104 
DA  "C1'"  C  N R 105 
DA  N9     N  Y N 106 
DA  C8     C  Y N 107 
DA  N7     N  Y N 108 
DA  C5     C  Y N 109 
DA  C6     C  Y N 110 
DA  N6     N  N N 111 
DA  N1     N  Y N 112 
DA  C2     C  Y N 113 
DA  N3     N  Y N 114 
DA  C4     C  Y N 115 
DA  HOP3   H  N N 116 
DA  HOP2   H  N N 117 
DA  "H5'"  H  N N 118 
DA  "H5''" H  N N 119 
DA  "H4'"  H  N N 120 
DA  "H3'"  H  N N 121 
DA  "HO3'" H  N N 122 
DA  "H2'"  H  N N 123 
DA  "H2''" H  N N 124 
DA  "H1'"  H  N N 125 
DA  H8     H  N N 126 
DA  H61    H  N N 127 
DA  H62    H  N N 128 
DA  H2     H  N N 129 
DC  OP3    O  N N 130 
DC  P      P  N N 131 
DC  OP1    O  N N 132 
DC  OP2    O  N N 133 
DC  "O5'"  O  N N 134 
DC  "C5'"  C  N N 135 
DC  "C4'"  C  N R 136 
DC  "O4'"  O  N N 137 
DC  "C3'"  C  N S 138 
DC  "O3'"  O  N N 139 
DC  "C2'"  C  N N 140 
DC  "C1'"  C  N R 141 
DC  N1     N  N N 142 
DC  C2     C  N N 143 
DC  O2     O  N N 144 
DC  N3     N  N N 145 
DC  C4     C  N N 146 
DC  N4     N  N N 147 
DC  C5     C  N N 148 
DC  C6     C  N N 149 
DC  HOP3   H  N N 150 
DC  HOP2   H  N N 151 
DC  "H5'"  H  N N 152 
DC  "H5''" H  N N 153 
DC  "H4'"  H  N N 154 
DC  "H3'"  H  N N 155 
DC  "HO3'" H  N N 156 
DC  "H2'"  H  N N 157 
DC  "H2''" H  N N 158 
DC  "H1'"  H  N N 159 
DC  H41    H  N N 160 
DC  H42    H  N N 161 
DC  H5     H  N N 162 
DC  H6     H  N N 163 
DG  OP3    O  N N 164 
DG  P      P  N N 165 
DG  OP1    O  N N 166 
DG  OP2    O  N N 167 
DG  "O5'"  O  N N 168 
DG  "C5'"  C  N N 169 
DG  "C4'"  C  N R 170 
DG  "O4'"  O  N N 171 
DG  "C3'"  C  N S 172 
DG  "O3'"  O  N N 173 
DG  "C2'"  C  N N 174 
DG  "C1'"  C  N R 175 
DG  N9     N  Y N 176 
DG  C8     C  Y N 177 
DG  N7     N  Y N 178 
DG  C5     C  Y N 179 
DG  C6     C  N N 180 
DG  O6     O  N N 181 
DG  N1     N  N N 182 
DG  C2     C  N N 183 
DG  N2     N  N N 184 
DG  N3     N  N N 185 
DG  C4     C  Y N 186 
DG  HOP3   H  N N 187 
DG  HOP2   H  N N 188 
DG  "H5'"  H  N N 189 
DG  "H5''" H  N N 190 
DG  "H4'"  H  N N 191 
DG  "H3'"  H  N N 192 
DG  "HO3'" H  N N 193 
DG  "H2'"  H  N N 194 
DG  "H2''" H  N N 195 
DG  "H1'"  H  N N 196 
DG  H8     H  N N 197 
DG  H1     H  N N 198 
DG  H21    H  N N 199 
DG  H22    H  N N 200 
DT  OP3    O  N N 201 
DT  P      P  N N 202 
DT  OP1    O  N N 203 
DT  OP2    O  N N 204 
DT  "O5'"  O  N N 205 
DT  "C5'"  C  N N 206 
DT  "C4'"  C  N R 207 
DT  "O4'"  O  N N 208 
DT  "C3'"  C  N S 209 
DT  "O3'"  O  N N 210 
DT  "C2'"  C  N N 211 
DT  "C1'"  C  N R 212 
DT  N1     N  N N 213 
DT  C2     C  N N 214 
DT  O2     O  N N 215 
DT  N3     N  N N 216 
DT  C4     C  N N 217 
DT  O4     O  N N 218 
DT  C5     C  N N 219 
DT  C7     C  N N 220 
DT  C6     C  N N 221 
DT  HOP3   H  N N 222 
DT  HOP2   H  N N 223 
DT  "H5'"  H  N N 224 
DT  "H5''" H  N N 225 
DT  "H4'"  H  N N 226 
DT  "H3'"  H  N N 227 
DT  "HO3'" H  N N 228 
DT  "H2'"  H  N N 229 
DT  "H2''" H  N N 230 
DT  "H1'"  H  N N 231 
DT  H3     H  N N 232 
DT  H71    H  N N 233 
DT  H72    H  N N 234 
DT  H73    H  N N 235 
DT  H6     H  N N 236 
HOH O      O  N N 237 
HOH H1     H  N N 238 
HOH H2     H  N N 239 
SPM N1     N  N N 240 
SPM C2     C  N N 241 
SPM C3     C  N N 242 
SPM C4     C  N N 243 
SPM N5     N  N N 244 
SPM C6     C  N N 245 
SPM C7     C  N N 246 
SPM C8     C  N N 247 
SPM C9     C  N N 248 
SPM N10    N  N N 249 
SPM C11    C  N N 250 
SPM C12    C  N N 251 
SPM C13    C  N N 252 
SPM N14    N  N N 253 
SPM HN11   H  N N 254 
SPM HN12   H  N N 255 
SPM H21    H  N N 256 
SPM H22    H  N N 257 
SPM H31    H  N N 258 
SPM H32    H  N N 259 
SPM H41    H  N N 260 
SPM H42    H  N N 261 
SPM HN5    H  N N 262 
SPM H61    H  N N 263 
SPM H62    H  N N 264 
SPM H71    H  N N 265 
SPM H72    H  N N 266 
SPM H81    H  N N 267 
SPM H82    H  N N 268 
SPM H91    H  N N 269 
SPM H92    H  N N 270 
SPM HN0    H  N N 271 
SPM H111   H  N N 272 
SPM H112   H  N N 273 
SPM H121   H  N N 274 
SPM H122   H  N N 275 
SPM H131   H  N N 276 
SPM H132   H  N N 277 
SPM HN41   H  N N 278 
SPM HN42   H  N N 279 
SR  SR     SR N N 280 
# 
loop_
_chem_comp_bond.comp_id 
_chem_comp_bond.atom_id_1 
_chem_comp_bond.atom_id_2 
_chem_comp_bond.value_order 
_chem_comp_bond.pdbx_aromatic_flag 
_chem_comp_bond.pdbx_stereo_config 
_chem_comp_bond.pdbx_ordinal 
BZG P     O1P    sing N N 1   
BZG P     O2P    doub N N 2   
BZG P     "O5'"  sing N N 3   
BZG P     OXT    sing N N 4   
BZG O1P   H1P    sing N N 5   
BZG "O5'" "C5'"  sing N N 6   
BZG CZ1   CT1    sing Y N 7   
BZG CZ1   CE     doub Y N 8   
BZG CZ1   HZ1    sing N N 9   
BZG CT1   CI     doub Y N 10  
BZG CT1   HT1    sing N N 11  
BZG CI    CT2    sing Y N 12  
BZG CI    HI     sing N N 13  
BZG CT2   CZ2    doub Y N 14  
BZG CT2   HT2    sing N N 15  
BZG CZ2   CE     sing Y N 16  
BZG CZ2   HZ2    sing N N 17  
BZG CE    CW     sing N N 18  
BZG CW    OL     sing N N 19  
BZG CW    HWC1   sing N N 20  
BZG CW    HWC2   sing N N 21  
BZG OL    CK     sing N N 22  
BZG CK    NJ     sing Y N 23  
BZG CK    CM     doub Y N 24  
BZG NJ    CH     doub Y N 25  
BZG CH    NI     sing N N 26  
BZG CH    NG     sing Y N 27  
BZG NI    HIN1   sing N N 28  
BZG NI    HIN2   sing N N 29  
BZG NG    CF     doub Y N 30  
BZG CF    CM     sing Y N 31  
BZG CF    NE     sing Y N 32  
BZG CM    NN     sing Y N 33  
BZG NN    CO     doub Y N 34  
BZG CO    NE     sing Y N 35  
BZG CO    HO     sing N N 36  
BZG NE    "CT'"  sing N N 37  
BZG "CT'" "OS'"  sing N N 38  
BZG "CT'" "CP'"  sing N N 39  
BZG "CT'" "HT'"  sing N N 40  
BZG "OS'" "C4'"  sing N N 41  
BZG "CP'" "C3'"  sing N N 42  
BZG "CP'" "HP'1" sing N N 43  
BZG "CP'" "HP'2" sing N N 44  
BZG "C5'" "C4'"  sing N N 45  
BZG "C5'" "H5'1" sing N N 46  
BZG "C5'" "H5'2" sing N N 47  
BZG "C4'" "C3'"  sing N N 48  
BZG "C4'" "H4'"  sing N N 49  
BZG "C3'" "O3'"  sing N N 50  
BZG "C3'" "H3'"  sing N N 51  
BZG "O3'" HA     sing N N 52  
BZG OXT   HOT    sing N N 53  
D3N "O3'" "C3'"  sing N N 54  
D3N "C2'" "C3'"  sing N N 55  
D3N "C2'" "C1'"  sing N N 56  
D3N "C3'" "C4'"  sing N N 57  
D3N "C1'" N1     sing N N 58  
D3N "C1'" "O4'"  sing N N 59  
D3N O2    C2     doub N N 60  
D3N N1    C2     sing N N 61  
D3N N1    C6     sing N N 62  
D3N C2    N3     sing N N 63  
D3N C7    C6     doub Y N 64  
D3N C7    C8     sing Y N 65  
D3N C6    C5     sing Y N 66  
D3N "C4'" "O4'"  sing N N 67  
D3N "C4'" "C5'"  sing N N 68  
D3N C8    C9     doub Y N 69  
D3N N3    C4     sing N N 70  
D3N C5    C4     doub Y N 71  
D3N C5    C10    sing Y N 72  
D3N C4    C13    sing Y N 73  
D3N C9    C10    sing Y N 74  
D3N C10   C11    doub Y N 75  
D3N C13   C12    doub Y N 76  
D3N "C5'" "O5'"  sing N N 77  
D3N C11   C12    sing Y N 78  
D3N "O5'" P      sing N N 79  
D3N O2P   P      doub N N 80  
D3N P     O1P    sing N N 81  
D3N O1P   H1     sing N N 82  
D3N "C5'" H3     sing N N 83  
D3N "C5'" H4     sing N N 84  
D3N "C4'" H5     sing N N 85  
D3N "C3'" H6     sing N N 86  
D3N "O3'" H7     sing N N 87  
D3N "C2'" H8     sing N N 88  
D3N "C2'" H9     sing N N 89  
D3N "C1'" H10    sing N N 90  
D3N N3    H11    sing N N 91  
D3N C7    H12    sing N N 92  
D3N C8    H13    sing N N 93  
D3N C9    H14    sing N N 94  
D3N C11   H15    sing N N 95  
D3N C12   H16    sing N N 96  
D3N C13   H17    sing N N 97  
D3N P     OP3    sing N N 98  
D3N OP3   H2     sing N N 99  
DA  OP3   P      sing N N 100 
DA  OP3   HOP3   sing N N 101 
DA  P     OP1    doub N N 102 
DA  P     OP2    sing N N 103 
DA  P     "O5'"  sing N N 104 
DA  OP2   HOP2   sing N N 105 
DA  "O5'" "C5'"  sing N N 106 
DA  "C5'" "C4'"  sing N N 107 
DA  "C5'" "H5'"  sing N N 108 
DA  "C5'" "H5''" sing N N 109 
DA  "C4'" "O4'"  sing N N 110 
DA  "C4'" "C3'"  sing N N 111 
DA  "C4'" "H4'"  sing N N 112 
DA  "O4'" "C1'"  sing N N 113 
DA  "C3'" "O3'"  sing N N 114 
DA  "C3'" "C2'"  sing N N 115 
DA  "C3'" "H3'"  sing N N 116 
DA  "O3'" "HO3'" sing N N 117 
DA  "C2'" "C1'"  sing N N 118 
DA  "C2'" "H2'"  sing N N 119 
DA  "C2'" "H2''" sing N N 120 
DA  "C1'" N9     sing N N 121 
DA  "C1'" "H1'"  sing N N 122 
DA  N9    C8     sing Y N 123 
DA  N9    C4     sing Y N 124 
DA  C8    N7     doub Y N 125 
DA  C8    H8     sing N N 126 
DA  N7    C5     sing Y N 127 
DA  C5    C6     sing Y N 128 
DA  C5    C4     doub Y N 129 
DA  C6    N6     sing N N 130 
DA  C6    N1     doub Y N 131 
DA  N6    H61    sing N N 132 
DA  N6    H62    sing N N 133 
DA  N1    C2     sing Y N 134 
DA  C2    N3     doub Y N 135 
DA  C2    H2     sing N N 136 
DA  N3    C4     sing Y N 137 
DC  OP3   P      sing N N 138 
DC  OP3   HOP3   sing N N 139 
DC  P     OP1    doub N N 140 
DC  P     OP2    sing N N 141 
DC  P     "O5'"  sing N N 142 
DC  OP2   HOP2   sing N N 143 
DC  "O5'" "C5'"  sing N N 144 
DC  "C5'" "C4'"  sing N N 145 
DC  "C5'" "H5'"  sing N N 146 
DC  "C5'" "H5''" sing N N 147 
DC  "C4'" "O4'"  sing N N 148 
DC  "C4'" "C3'"  sing N N 149 
DC  "C4'" "H4'"  sing N N 150 
DC  "O4'" "C1'"  sing N N 151 
DC  "C3'" "O3'"  sing N N 152 
DC  "C3'" "C2'"  sing N N 153 
DC  "C3'" "H3'"  sing N N 154 
DC  "O3'" "HO3'" sing N N 155 
DC  "C2'" "C1'"  sing N N 156 
DC  "C2'" "H2'"  sing N N 157 
DC  "C2'" "H2''" sing N N 158 
DC  "C1'" N1     sing N N 159 
DC  "C1'" "H1'"  sing N N 160 
DC  N1    C2     sing N N 161 
DC  N1    C6     sing N N 162 
DC  C2    O2     doub N N 163 
DC  C2    N3     sing N N 164 
DC  N3    C4     doub N N 165 
DC  C4    N4     sing N N 166 
DC  C4    C5     sing N N 167 
DC  N4    H41    sing N N 168 
DC  N4    H42    sing N N 169 
DC  C5    C6     doub N N 170 
DC  C5    H5     sing N N 171 
DC  C6    H6     sing N N 172 
DG  OP3   P      sing N N 173 
DG  OP3   HOP3   sing N N 174 
DG  P     OP1    doub N N 175 
DG  P     OP2    sing N N 176 
DG  P     "O5'"  sing N N 177 
DG  OP2   HOP2   sing N N 178 
DG  "O5'" "C5'"  sing N N 179 
DG  "C5'" "C4'"  sing N N 180 
DG  "C5'" "H5'"  sing N N 181 
DG  "C5'" "H5''" sing N N 182 
DG  "C4'" "O4'"  sing N N 183 
DG  "C4'" "C3'"  sing N N 184 
DG  "C4'" "H4'"  sing N N 185 
DG  "O4'" "C1'"  sing N N 186 
DG  "C3'" "O3'"  sing N N 187 
DG  "C3'" "C2'"  sing N N 188 
DG  "C3'" "H3'"  sing N N 189 
DG  "O3'" "HO3'" sing N N 190 
DG  "C2'" "C1'"  sing N N 191 
DG  "C2'" "H2'"  sing N N 192 
DG  "C2'" "H2''" sing N N 193 
DG  "C1'" N9     sing N N 194 
DG  "C1'" "H1'"  sing N N 195 
DG  N9    C8     sing Y N 196 
DG  N9    C4     sing Y N 197 
DG  C8    N7     doub Y N 198 
DG  C8    H8     sing N N 199 
DG  N7    C5     sing Y N 200 
DG  C5    C6     sing N N 201 
DG  C5    C4     doub Y N 202 
DG  C6    O6     doub N N 203 
DG  C6    N1     sing N N 204 
DG  N1    C2     sing N N 205 
DG  N1    H1     sing N N 206 
DG  C2    N2     sing N N 207 
DG  C2    N3     doub N N 208 
DG  N2    H21    sing N N 209 
DG  N2    H22    sing N N 210 
DG  N3    C4     sing N N 211 
DT  OP3   P      sing N N 212 
DT  OP3   HOP3   sing N N 213 
DT  P     OP1    doub N N 214 
DT  P     OP2    sing N N 215 
DT  P     "O5'"  sing N N 216 
DT  OP2   HOP2   sing N N 217 
DT  "O5'" "C5'"  sing N N 218 
DT  "C5'" "C4'"  sing N N 219 
DT  "C5'" "H5'"  sing N N 220 
DT  "C5'" "H5''" sing N N 221 
DT  "C4'" "O4'"  sing N N 222 
DT  "C4'" "C3'"  sing N N 223 
DT  "C4'" "H4'"  sing N N 224 
DT  "O4'" "C1'"  sing N N 225 
DT  "C3'" "O3'"  sing N N 226 
DT  "C3'" "C2'"  sing N N 227 
DT  "C3'" "H3'"  sing N N 228 
DT  "O3'" "HO3'" sing N N 229 
DT  "C2'" "C1'"  sing N N 230 
DT  "C2'" "H2'"  sing N N 231 
DT  "C2'" "H2''" sing N N 232 
DT  "C1'" N1     sing N N 233 
DT  "C1'" "H1'"  sing N N 234 
DT  N1    C2     sing N N 235 
DT  N1    C6     sing N N 236 
DT  C2    O2     doub N N 237 
DT  C2    N3     sing N N 238 
DT  N3    C4     sing N N 239 
DT  N3    H3     sing N N 240 
DT  C4    O4     doub N N 241 
DT  C4    C5     sing N N 242 
DT  C5    C7     sing N N 243 
DT  C5    C6     doub N N 244 
DT  C7    H71    sing N N 245 
DT  C7    H72    sing N N 246 
DT  C7    H73    sing N N 247 
DT  C6    H6     sing N N 248 
HOH O     H1     sing N N 249 
HOH O     H2     sing N N 250 
SPM N1    C2     sing N N 251 
SPM N1    HN11   sing N N 252 
SPM N1    HN12   sing N N 253 
SPM C2    C3     sing N N 254 
SPM C2    H21    sing N N 255 
SPM C2    H22    sing N N 256 
SPM C3    C4     sing N N 257 
SPM C3    H31    sing N N 258 
SPM C3    H32    sing N N 259 
SPM C4    N5     sing N N 260 
SPM C4    H41    sing N N 261 
SPM C4    H42    sing N N 262 
SPM N5    C6     sing N N 263 
SPM N5    HN5    sing N N 264 
SPM C6    C7     sing N N 265 
SPM C6    H61    sing N N 266 
SPM C6    H62    sing N N 267 
SPM C7    C8     sing N N 268 
SPM C7    H71    sing N N 269 
SPM C7    H72    sing N N 270 
SPM C8    C9     sing N N 271 
SPM C8    H81    sing N N 272 
SPM C8    H82    sing N N 273 
SPM C9    N10    sing N N 274 
SPM C9    H91    sing N N 275 
SPM C9    H92    sing N N 276 
SPM N10   C11    sing N N 277 
SPM N10   HN0    sing N N 278 
SPM C11   C12    sing N N 279 
SPM C11   H111   sing N N 280 
SPM C11   H112   sing N N 281 
SPM C12   C13    sing N N 282 
SPM C12   H121   sing N N 283 
SPM C12   H122   sing N N 284 
SPM C13   N14    sing N N 285 
SPM C13   H131   sing N N 286 
SPM C13   H132   sing N N 287 
SPM N14   HN41   sing N N 288 
SPM N14   HN42   sing N N 289 
# 
loop_
_ndb_struct_conf_na.entry_id 
_ndb_struct_conf_na.feature 
4HQI 'b-form double helix'  
4HQI 'mismatched base pair' 
# 
loop_
_ndb_struct_na_base_pair.model_number 
_ndb_struct_na_base_pair.i_label_asym_id 
_ndb_struct_na_base_pair.i_label_comp_id 
_ndb_struct_na_base_pair.i_label_seq_id 
_ndb_struct_na_base_pair.i_symmetry 
_ndb_struct_na_base_pair.j_label_asym_id 
_ndb_struct_na_base_pair.j_label_comp_id 
_ndb_struct_na_base_pair.j_label_seq_id 
_ndb_struct_na_base_pair.j_symmetry 
_ndb_struct_na_base_pair.shear 
_ndb_struct_na_base_pair.stretch 
_ndb_struct_na_base_pair.stagger 
_ndb_struct_na_base_pair.buckle 
_ndb_struct_na_base_pair.propeller 
_ndb_struct_na_base_pair.opening 
_ndb_struct_na_base_pair.pair_number 
_ndb_struct_na_base_pair.pair_name 
_ndb_struct_na_base_pair.i_auth_asym_id 
_ndb_struct_na_base_pair.i_auth_seq_id 
_ndb_struct_na_base_pair.i_PDB_ins_code 
_ndb_struct_na_base_pair.j_auth_asym_id 
_ndb_struct_na_base_pair.j_auth_seq_id 
_ndb_struct_na_base_pair.j_PDB_ins_code 
_ndb_struct_na_base_pair.hbond_type_28 
_ndb_struct_na_base_pair.hbond_type_12 
1 A DG 2  1_555 B DC 11 1_555 -0.125 -0.253 -0.220 -11.324 3.168   -1.868 1 A_DG2:DC23_B  A 2  ? B 23 ? 19 1 
1 A DC 3  1_555 B DG 10 1_555 0.199  -0.225 -0.317 2.151   10.773  -1.099 2 A_DC3:DG22_B  A 3  ? B 22 ? 19 1 
1 A DA 5  1_555 B DT 8  1_555 -0.236 -0.008 -0.460 -12.406 0.879   1.251  3 A_DA5:DT20_B  A 5  ? B 20 ? 20 1 
1 A DA 6  1_555 B DT 7  1_555 -0.009 -0.142 -0.125 -5.111  -11.621 0.172  4 A_DA6:DT19_B  A 6  ? B 19 ? 20 1 
1 A DT 7  1_555 B DA 6  1_555 0.132  -0.121 -0.126 2.516   -6.703  1.351  5 A_DT7:DA18_B  A 7  ? B 18 ? 20 1 
1 A DT 8  1_555 B DA 5  1_555 0.024  -0.181 -0.510 8.065   -0.035  4.832  6 A_DT8:DA17_B  A 8  ? B 17 ? 20 1 
1 A DG 10 1_555 B DC 3  1_555 -0.259 -0.158 -0.143 -0.234  8.429   0.472  7 A_DG10:DC15_B A 10 ? B 15 ? 19 1 
1 A DC 11 1_555 B DG 2  1_555 0.194  -0.224 -0.063 10.713  2.217   -1.590 8 A_DC11:DG14_B A 11 ? B 14 ? 19 1 
# 
loop_
_ndb_struct_na_base_pair_step.model_number 
_ndb_struct_na_base_pair_step.i_label_asym_id_1 
_ndb_struct_na_base_pair_step.i_label_comp_id_1 
_ndb_struct_na_base_pair_step.i_label_seq_id_1 
_ndb_struct_na_base_pair_step.i_symmetry_1 
_ndb_struct_na_base_pair_step.j_label_asym_id_1 
_ndb_struct_na_base_pair_step.j_label_comp_id_1 
_ndb_struct_na_base_pair_step.j_label_seq_id_1 
_ndb_struct_na_base_pair_step.j_symmetry_1 
_ndb_struct_na_base_pair_step.i_label_asym_id_2 
_ndb_struct_na_base_pair_step.i_label_comp_id_2 
_ndb_struct_na_base_pair_step.i_label_seq_id_2 
_ndb_struct_na_base_pair_step.i_symmetry_2 
_ndb_struct_na_base_pair_step.j_label_asym_id_2 
_ndb_struct_na_base_pair_step.j_label_comp_id_2 
_ndb_struct_na_base_pair_step.j_label_seq_id_2 
_ndb_struct_na_base_pair_step.j_symmetry_2 
_ndb_struct_na_base_pair_step.shift 
_ndb_struct_na_base_pair_step.slide 
_ndb_struct_na_base_pair_step.rise 
_ndb_struct_na_base_pair_step.tilt 
_ndb_struct_na_base_pair_step.roll 
_ndb_struct_na_base_pair_step.twist 
_ndb_struct_na_base_pair_step.x_displacement 
_ndb_struct_na_base_pair_step.y_displacement 
_ndb_struct_na_base_pair_step.helical_rise 
_ndb_struct_na_base_pair_step.inclination 
_ndb_struct_na_base_pair_step.tip 
_ndb_struct_na_base_pair_step.helical_twist 
_ndb_struct_na_base_pair_step.step_number 
_ndb_struct_na_base_pair_step.step_name 
_ndb_struct_na_base_pair_step.i_auth_asym_id_1 
_ndb_struct_na_base_pair_step.i_auth_seq_id_1 
_ndb_struct_na_base_pair_step.i_PDB_ins_code_1 
_ndb_struct_na_base_pair_step.j_auth_asym_id_1 
_ndb_struct_na_base_pair_step.j_auth_seq_id_1 
_ndb_struct_na_base_pair_step.j_PDB_ins_code_1 
_ndb_struct_na_base_pair_step.i_auth_asym_id_2 
_ndb_struct_na_base_pair_step.i_auth_seq_id_2 
_ndb_struct_na_base_pair_step.i_PDB_ins_code_2 
_ndb_struct_na_base_pair_step.j_auth_asym_id_2 
_ndb_struct_na_base_pair_step.j_auth_seq_id_2 
_ndb_struct_na_base_pair_step.j_PDB_ins_code_2 
1 A DG 2  1_555 B DC 11 1_555 A DC 3  1_555 B DG 10 1_555 0.825  -0.036 3.016 -1.267 -2.600 30.408 0.405  -1.796 2.973 -4.943 
2.408   30.542 1 AA_DG2DC3:DG22DC23_BB   A 2  ? B 23 ? A 3  ? B 22 ? 
1 A DA 5  1_555 B DT 8  1_555 A DA 6  1_555 B DT 7  1_555 -0.057 -0.095 3.259 -2.570 8.650  26.842 -2.189 -0.476 3.072 18.000 
5.348   28.292 2 AA_DA5DA6:DT19DT20_BB   A 5  ? B 20 ? A 6  ? B 19 ? 
1 A DA 6  1_555 B DT 7  1_555 A DT 7  1_555 B DA 6  1_555 -0.148 -0.601 3.135 0.082  6.206  27.711 -2.567 0.320  2.933 12.755 
-0.169  28.384 3 AA_DA6DT7:DA18DT19_BB   A 6  ? B 19 ? A 7  ? B 18 ? 
1 A DT 7  1_555 B DA 6  1_555 A DT 8  1_555 B DA 5  1_555 1.209  0.289  3.235 6.047  7.993  32.969 -0.800 -1.070 3.374 13.696 
-10.360 34.418 4 AA_DT7DT8:DA17DA18_BB   A 7  ? B 18 ? A 8  ? B 17 ? 
1 A DG 10 1_555 B DC 3  1_555 A DC 11 1_555 B DG 2  1_555 -0.894 0.014  3.141 0.568  -2.918 30.844 0.565  1.778  3.110 -5.470 
-1.064  30.984 5 AA_DG10DC11:DG14DC15_BB A 10 ? B 15 ? A 11 ? B 14 ? 
# 
_atom_sites.entry_id                    4HQI 
_atom_sites.fract_transf_matrix[1][1]   -0.01231710 
_atom_sites.fract_transf_matrix[1][2]   -0.02841126 
_atom_sites.fract_transf_matrix[1][3]   0.02185523 
_atom_sites.fract_transf_matrix[2][1]   -0.00968951 
_atom_sites.fract_transf_matrix[2][2]   0.01799725 
_atom_sites.fract_transf_matrix[2][3]   0.01793520 
_atom_sites.fract_transf_matrix[3][1]   -0.01128150 
_atom_sites.fract_transf_matrix[3][2]   0.00011424 
_atom_sites.fract_transf_matrix[3][3]   -0.00620948 
_atom_sites.fract_transf_vector[1]      0.309109 
_atom_sites.fract_transf_vector[2]      0.045953 
_atom_sites.fract_transf_vector[3]      0.181710 
# 
loop_
_atom_type.symbol 
C  
N  
O  
P  
SR 
# 
loop_
_atom_site.group_PDB 
_atom_site.id 
_atom_site.type_symbol 
_atom_site.label_atom_id 
_atom_site.label_alt_id 
_atom_site.label_comp_id 
_atom_site.label_asym_id 
_atom_site.label_entity_id 
_atom_site.label_seq_id 
_atom_site.pdbx_PDB_ins_code 
_atom_site.Cartn_x 
_atom_site.Cartn_y 
_atom_site.Cartn_z 
_atom_site.occupancy 
_atom_site.B_iso_or_equiv 
_atom_site.pdbx_formal_charge 
_atom_site.auth_seq_id 
_atom_site.auth_comp_id 
_atom_site.auth_asym_id 
_atom_site.auth_atom_id 
_atom_site.pdbx_PDB_model_num 
ATOM   1   P  P     . DG  A 1 2  ? -10.396 -9.059  -15.756 0.60 64.21  ? 2   DG  A P     1 
ATOM   2   O  OP1   . DG  A 1 2  ? -11.702 -8.764  -16.398 0.60 60.29  ? 2   DG  A OP1   1 
ATOM   3   O  OP2   . DG  A 1 2  ? -9.500  -10.101 -16.352 0.60 53.30  ? 2   DG  A OP2   1 
ATOM   4   O  "O5'" . DG  A 1 2  ? -9.588  -7.683  -15.636 1.00 66.68  ? 2   DG  A "O5'" 1 
ATOM   5   C  "C5'" . DG  A 1 2  ? -9.973  -6.525  -16.411 1.00 55.81  ? 2   DG  A "C5'" 1 
ATOM   6   C  "C4'" . DG  A 1 2  ? -9.315  -5.255  -15.908 1.00 52.59  ? 2   DG  A "C4'" 1 
ATOM   7   O  "O4'" . DG  A 1 2  ? -10.182 -4.518  -15.013 1.00 47.03  ? 2   DG  A "O4'" 1 
ATOM   8   C  "C3'" . DG  A 1 2  ? -7.975  -5.378  -15.187 1.00 47.01  ? 2   DG  A "C3'" 1 
ATOM   9   O  "O3'" . DG  A 1 2  ? -7.268  -4.206  -15.619 1.00 43.95  ? 2   DG  A "O3'" 1 
ATOM   10  C  "C2'" . DG  A 1 2  ? -8.362  -5.326  -13.721 1.00 43.36  ? 2   DG  A "C2'" 1 
ATOM   11  C  "C1'" . DG  A 1 2  ? -9.616  -4.460  -13.702 1.00 38.71  ? 2   DG  A "C1'" 1 
ATOM   12  N  N9    . DG  A 1 2  ? -10.630 -4.934  -12.777 1.00 38.13  ? 2   DG  A N9    1 
ATOM   13  C  C8    . DG  A 1 2  ? -11.029 -6.236  -12.582 1.00 40.71  ? 2   DG  A C8    1 
ATOM   14  N  N7    . DG  A 1 2  ? -12.048 -6.343  -11.773 1.00 37.92  ? 2   DG  A N7    1 
ATOM   15  C  C5    . DG  A 1 2  ? -12.401 -5.027  -11.494 1.00 34.44  ? 2   DG  A C5    1 
ATOM   16  C  C6    . DG  A 1 2  ? -13.415 -4.514  -10.662 1.00 33.16  ? 2   DG  A C6    1 
ATOM   17  O  O6    . DG  A 1 2  ? -14.263 -5.142  -10.010 1.00 39.27  ? 2   DG  A O6    1 
ATOM   18  N  N1    . DG  A 1 2  ? -13.400 -3.118  -10.631 1.00 31.66  ? 2   DG  A N1    1 
ATOM   19  C  C2    . DG  A 1 2  ? -12.522 -2.322  -11.330 1.00 26.82  ? 2   DG  A C2    1 
ATOM   20  N  N2    . DG  A 1 2  ? -12.627 -0.985  -11.129 1.00 29.37  ? 2   DG  A N2    1 
ATOM   21  N  N3    . DG  A 1 2  ? -11.540 -2.795  -12.081 1.00 32.27  ? 2   DG  A N3    1 
ATOM   22  C  C4    . DG  A 1 2  ? -11.537 -4.147  -12.113 1.00 32.15  ? 2   DG  A C4    1 
ATOM   23  P  P     . DC  A 1 3  ? -5.848  -3.803  -15.031 1.00 46.97  ? 3   DC  A P     1 
ATOM   24  O  OP1   . DC  A 1 3  ? -5.280  -2.757  -15.932 1.00 49.89  ? 3   DC  A OP1   1 
ATOM   25  O  OP2   . DC  A 1 3  ? -5.095  -5.048  -14.676 1.00 53.26  ? 3   DC  A OP2   1 
ATOM   26  O  "O5'" . DC  A 1 3  ? -6.204  -2.998  -13.699 1.00 43.44  ? 3   DC  A "O5'" 1 
ATOM   27  C  "C5'" . DC  A 1 3  ? -6.673  -1.658  -13.761 1.00 38.31  ? 3   DC  A "C5'" 1 
ATOM   28  C  "C4'" . DC  A 1 3  ? -7.124  -1.270  -12.374 1.00 36.86  ? 3   DC  A "C4'" 1 
ATOM   29  O  "O4'" . DC  A 1 3  ? -8.092  -2.246  -11.926 1.00 42.11  ? 3   DC  A "O4'" 1 
ATOM   30  C  "C3'" . DC  A 1 3  ? -6.016  -1.303  -11.318 1.00 34.95  ? 3   DC  A "C3'" 1 
ATOM   31  O  "O3'" . DC  A 1 3  ? -5.753  0.021   -10.850 1.00 46.76  ? 3   DC  A "O3'" 1 
ATOM   32  C  "C2'" . DC  A 1 3  ? -6.636  -2.080  -10.149 1.00 40.64  ? 3   DC  A "C2'" 1 
ATOM   33  C  "C1'" . DC  A 1 3  ? -8.098  -2.098  -10.526 1.00 38.02  ? 3   DC  A "C1'" 1 
ATOM   34  N  N1    . DC  A 1 3  ? -8.877  -3.191  -9.966  1.00 41.53  ? 3   DC  A N1    1 
ATOM   35  C  C2    . DC  A 1 3  ? -10.027 -2.880  -9.240  1.00 33.63  ? 3   DC  A C2    1 
ATOM   36  O  O2    . DC  A 1 3  ? -10.313 -1.686  -9.050  1.00 33.20  ? 3   DC  A O2    1 
ATOM   37  N  N3    . DC  A 1 3  ? -10.765 -3.880  -8.715  1.00 34.36  ? 3   DC  A N3    1 
ATOM   38  C  C4    . DC  A 1 3  ? -10.427 -5.149  -8.943  1.00 35.83  ? 3   DC  A C4    1 
ATOM   39  N  N4    . DC  A 1 3  ? -11.176 -6.103  -8.382  1.00 38.69  ? 3   DC  A N4    1 
ATOM   40  C  C5    . DC  A 1 3  ? -9.274  -5.496  -9.708  1.00 36.91  ? 3   DC  A C5    1 
ATOM   41  C  C6    . DC  A 1 3  ? -8.573  -4.492  -10.252 1.00 35.23  ? 3   DC  A C6    1 
HETATM 42  P  P     . BZG A 1 4  ? -4.334  0.683   -11.104 1.00 46.63  ? 4   BZG A P     1 
HETATM 43  O  O1P   . BZG A 1 4  ? -3.318  -0.031  -10.320 1.00 44.93  ? 4   BZG A O1P   1 
HETATM 44  O  O2P   . BZG A 1 4  ? -4.328  0.637   -12.571 1.00 55.23  ? 4   BZG A O2P   1 
HETATM 45  O  "O5'" . BZG A 1 4  ? -4.531  2.140   -10.563 1.00 39.01  ? 4   BZG A "O5'" 1 
HETATM 46  C  CZ1   . BZG A 1 4  ? -7.199  -3.122  -2.879  1.00 37.59  ? 4   BZG A CZ1   1 
HETATM 47  C  CT1   . BZG A 1 4  ? -7.195  -4.496  -2.722  1.00 39.06  ? 4   BZG A CT1   1 
HETATM 48  C  CI    . BZG A 1 4  ? -8.120  -5.036  -1.842  1.00 33.85  ? 4   BZG A CI    1 
HETATM 49  C  CT2   . BZG A 1 4  ? -8.967  -4.234  -1.074  1.00 36.75  ? 4   BZG A CT2   1 
HETATM 50  C  CZ2   . BZG A 1 4  ? -8.999  -2.867  -1.270  1.00 36.31  ? 4   BZG A CZ2   1 
HETATM 51  C  CE    . BZG A 1 4  ? -8.080  -2.334  -2.146  1.00 36.33  ? 4   BZG A CE    1 
HETATM 52  C  CW    . BZG A 1 4  ? -8.081  -0.845  -2.334  1.00 34.89  ? 4   BZG A CW    1 
HETATM 53  O  OL    . BZG A 1 4  ? -7.192  -0.581  -3.454  1.00 37.78  ? 4   BZG A OL    1 
HETATM 54  C  CK    . BZG A 1 4  ? -7.195  0.675   -3.956  1.00 35.01  ? 4   BZG A CK    1 
HETATM 55  N  NJ    . BZG A 1 4  ? -7.909  1.633   -3.350  1.00 36.53  ? 4   BZG A NJ    1 
HETATM 56  C  CH    . BZG A 1 4  ? -7.961  2.888   -3.850  1.00 39.60  ? 4   BZG A CH    1 
HETATM 57  N  NI    . BZG A 1 4  ? -8.615  3.836   -3.159  1.00 42.29  ? 4   BZG A NI    1 
HETATM 58  N  NG    . BZG A 1 4  ? -7.332  3.201   -5.011  1.00 37.80  ? 4   BZG A NG    1 
HETATM 59  C  CF    . BZG A 1 4  ? -6.633  2.243   -5.669  1.00 35.38  ? 4   BZG A CF    1 
HETATM 60  C  CM    . BZG A 1 4  ? -6.564  0.936   -5.169  1.00 37.85  ? 4   BZG A CM    1 
HETATM 61  N  NN    . BZG A 1 4  ? -5.831  0.172   -6.011  1.00 39.19  ? 4   BZG A NN    1 
HETATM 62  C  CO    . BZG A 1 4  ? -5.464  0.986   -7.032  1.00 39.06  ? 4   BZG A CO    1 
HETATM 63  N  NE    . BZG A 1 4  ? -5.915  2.248   -6.779  1.00 38.14  ? 4   BZG A NE    1 
HETATM 64  C  "CT'" . BZG A 1 4  ? -5.788  3.452   -7.630  1.00 40.97  ? 4   BZG A "CT'" 1 
HETATM 65  O  "OS'" . BZG A 1 4  ? -6.547  3.264   -8.818  1.00 41.96  ? 4   BZG A "OS'" 1 
HETATM 66  C  "CP'" . BZG A 1 4  ? -4.345  3.738   -8.023  1.00 42.75  ? 4   BZG A "CP'" 1 
HETATM 67  C  "C5'" . BZG A 1 4  ? -5.599  2.916   -11.025 1.00 40.60  ? 4   BZG A "C5'" 1 
HETATM 68  C  "C4'" . BZG A 1 4  ? -5.843  3.912   -9.907  1.00 46.89  ? 4   BZG A "C4'" 1 
HETATM 69  C  "C3'" . BZG A 1 4  ? -4.540  4.497   -9.324  1.00 46.88  ? 4   BZG A "C3'" 1 
HETATM 70  O  "O3'" . BZG A 1 4  ? -4.932  5.851   -9.032  1.00 55.09  ? 4   BZG A "O3'" 1 
ATOM   71  P  P     . DA  A 1 5  ? -3.868  6.917   -8.455  1.00 58.27  ? 5   DA  A P     1 
ATOM   72  O  OP1   . DA  A 1 5  ? -4.248  8.254   -8.988  1.00 59.14  ? 5   DA  A OP1   1 
ATOM   73  O  OP2   . DA  A 1 5  ? -2.497  6.368   -8.673  1.00 59.17  ? 5   DA  A OP2   1 
ATOM   74  O  "O5'" . DA  A 1 5  ? -4.237  6.989   -6.914  1.00 49.03  ? 5   DA  A "O5'" 1 
ATOM   75  C  "C5'" . DA  A 1 5  ? -5.565  7.362   -6.528  1.00 48.58  ? 5   DA  A "C5'" 1 
ATOM   76  C  "C4'" . DA  A 1 5  ? -5.687  7.353   -5.027  1.00 56.65  ? 5   DA  A "C4'" 1 
ATOM   77  O  "O4'" . DA  A 1 5  ? -5.721  5.997   -4.528  1.00 53.36  ? 5   DA  A "O4'" 1 
ATOM   78  C  "C3'" . DA  A 1 5  ? -4.537  8.044   -4.296  1.00 59.46  ? 5   DA  A "C3'" 1 
ATOM   79  O  "O3'" . DA  A 1 5  ? -5.110  8.845   -3.270  1.00 60.34  ? 5   DA  A "O3'" 1 
ATOM   80  C  "C2'" . DA  A 1 5  ? -3.711  6.897   -3.734  1.00 55.75  ? 5   DA  A "C2'" 1 
ATOM   81  C  "C1'" . DA  A 1 5  ? -4.759  5.828   -3.498  1.00 51.87  ? 5   DA  A "C1'" 1 
ATOM   82  N  N9    . DA  A 1 5  ? -4.258  4.461   -3.588  1.00 46.83  ? 5   DA  A N9    1 
ATOM   83  C  C8    . DA  A 1 5  ? -3.451  3.929   -4.562  1.00 43.90  ? 5   DA  A C8    1 
ATOM   84  N  N7    . DA  A 1 5  ? -3.202  2.652   -4.404  1.00 44.68  ? 5   DA  A N7    1 
ATOM   85  C  C5    . DA  A 1 5  ? -3.916  2.312   -3.264  1.00 42.49  ? 5   DA  A C5    1 
ATOM   86  C  C6    . DA  A 1 5  ? -4.112  1.090   -2.606  1.00 36.19  ? 5   DA  A C6    1 
ATOM   87  N  N6    . DA  A 1 5  ? -3.527  -0.048  -2.981  1.00 36.49  ? 5   DA  A N6    1 
ATOM   88  N  N1    . DA  A 1 5  ? -4.866  1.094   -1.486  1.00 36.14  ? 5   DA  A N1    1 
ATOM   89  C  C2    . DA  A 1 5  ? -5.467  2.235   -1.122  1.00 36.19  ? 5   DA  A C2    1 
ATOM   90  N  N3    . DA  A 1 5  ? -5.388  3.443   -1.679  1.00 42.40  ? 5   DA  A N3    1 
ATOM   91  C  C4    . DA  A 1 5  ? -4.595  3.410   -2.765  1.00 35.08  ? 5   DA  A C4    1 
ATOM   92  P  P     . DA  A 1 6  ? -4.188  9.868   -2.498  1.00 66.25  ? 6   DA  A P     1 
ATOM   93  O  OP1   . DA  A 1 6  ? -4.895  11.171  -2.446  1.00 73.87  ? 6   DA  A OP1   1 
ATOM   94  O  OP2   . DA  A 1 6  ? -2.820  9.765   -3.083  1.00 62.28  ? 6   DA  A OP2   1 
ATOM   95  O  "O5'" . DA  A 1 6  ? -4.151  9.264   -1.033  1.00 55.29  ? 6   DA  A "O5'" 1 
ATOM   96  C  "C5'" . DA  A 1 6  ? -5.340  8.794   -0.390  1.00 56.56  ? 6   DA  A "C5'" 1 
ATOM   97  C  "C4'" . DA  A 1 6  ? -4.923  7.813   0.676   1.00 53.18  ? 6   DA  A "C4'" 1 
ATOM   98  O  "O4'" . DA  A 1 6  ? -4.357  6.652   0.034   1.00 48.57  ? 6   DA  A "O4'" 1 
ATOM   99  C  "C3'" . DA  A 1 6  ? -3.809  8.364   1.577   1.00 59.75  ? 6   DA  A "C3'" 1 
ATOM   100 O  "O3'" . DA  A 1 6  ? -4.363  8.733   2.851   1.00 59.83  ? 6   DA  A "O3'" 1 
ATOM   101 C  "C2'" . DA  A 1 6  ? -2.721  7.289   1.543   1.00 57.57  ? 6   DA  A "C2'" 1 
ATOM   102 C  "C1'" . DA  A 1 6  ? -3.445  6.100   0.934   1.00 43.65  ? 6   DA  A "C1'" 1 
ATOM   103 N  N9    . DA  A 1 6  ? -2.657  5.099   0.224   1.00 38.41  ? 6   DA  A N9    1 
ATOM   104 C  C8    . DA  A 1 6  ? -1.881  5.185   -0.905  1.00 32.72  ? 6   DA  A C8    1 
ATOM   105 N  N7    . DA  A 1 6  ? -1.331  4.044   -1.255  1.00 34.57  ? 6   DA  A N7    1 
ATOM   106 C  C5    . DA  A 1 6  ? -1.838  3.136   -0.334  1.00 39.39  ? 6   DA  A C5    1 
ATOM   107 C  C6    . DA  A 1 6  ? -1.674  1.750   -0.185  1.00 36.78  ? 6   DA  A C6    1 
ATOM   108 N  N6    . DA  A 1 6  ? -0.919  1.005   -0.991  1.00 36.24  ? 6   DA  A N6    1 
ATOM   109 N  N1    . DA  A 1 6  ? -2.268  1.159   0.876   1.00 40.20  ? 6   DA  A N1    1 
ATOM   110 C  C2    . DA  A 1 6  ? -3.037  1.903   1.677   1.00 42.40  ? 6   DA  A C2    1 
ATOM   111 N  N3    . DA  A 1 6  ? -3.294  3.208   1.623   1.00 44.66  ? 6   DA  A N3    1 
ATOM   112 C  C4    . DA  A 1 6  ? -2.662  3.771   0.576   1.00 39.31  ? 6   DA  A C4    1 
ATOM   113 P  P     . DT  A 1 7  ? -3.434  9.426   3.960   1.00 63.69  ? 7   DT  A P     1 
ATOM   114 O  OP1   . DT  A 1 7  ? -4.320  10.115  4.937   1.00 69.37  ? 7   DT  A OP1   1 
ATOM   115 O  OP2   . DT  A 1 7  ? -2.330  10.153  3.276   1.00 58.46  ? 7   DT  A OP2   1 
ATOM   116 O  "O5'" . DT  A 1 7  ? -2.786  8.168   4.679   1.00 46.43  ? 7   DT  A "O5'" 1 
ATOM   117 C  "C5'" . DT  A 1 7  ? -3.625  7.304   5.460   1.00 51.47  ? 7   DT  A "C5'" 1 
ATOM   118 C  "C4'" . DT  A 1 7  ? -2.783  6.147   5.921   1.00 46.90  ? 7   DT  A "C4'" 1 
ATOM   119 O  "O4'" . DT  A 1 7  ? -2.317  5.438   4.762   1.00 48.09  ? 7   DT  A "O4'" 1 
ATOM   120 C  "C3'" . DT  A 1 7  ? -1.516  6.630   6.618   1.00 43.45  ? 7   DT  A "C3'" 1 
ATOM   121 O  "O3'" . DT  A 1 7  ? -1.653  6.434   8.013   1.00 52.70  ? 7   DT  A "O3'" 1 
ATOM   122 C  "C2'" . DT  A 1 7  ? -0.392  5.813   5.991   1.00 50.70  ? 7   DT  A "C2'" 1 
ATOM   123 C  "C1'" . DT  A 1 7  ? -1.143  4.793   5.166   1.00 47.48  ? 7   DT  A "C1'" 1 
ATOM   124 N  N1    . DT  A 1 7  ? -0.463  4.295   3.971   1.00 41.31  ? 7   DT  A N1    1 
ATOM   125 C  C2    . DT  A 1 7  ? -0.280  2.935   3.889   1.00 41.88  ? 7   DT  A C2    1 
ATOM   126 O  O2    . DT  A 1 7  ? -0.671  2.157   4.746   1.00 42.96  ? 7   DT  A O2    1 
ATOM   127 N  N3    . DT  A 1 7  ? 0.354   2.513   2.754   1.00 38.18  ? 7   DT  A N3    1 
ATOM   128 C  C4    . DT  A 1 7  ? 0.818   3.294   1.721   1.00 39.17  ? 7   DT  A C4    1 
ATOM   129 O  O4    . DT  A 1 7  ? 1.397   2.772   0.781   1.00 42.62  ? 7   DT  A O4    1 
ATOM   130 C  C5    . DT  A 1 7  ? 0.629   4.723   1.893   1.00 39.25  ? 7   DT  A C5    1 
ATOM   131 C  C7    . DT  A 1 7  ? 1.096   5.655   0.819   1.00 37.23  ? 7   DT  A C7    1 
ATOM   132 C  C6    . DT  A 1 7  ? 0.020   5.145   3.003   1.00 36.63  ? 7   DT  A C6    1 
ATOM   133 P  P     . DT  A 1 8  ? -0.553  7.034   8.958   1.00 52.32  ? 8   DT  A P     1 
ATOM   134 O  OP1   . DT  A 1 8  ? -1.193  7.381   10.228  1.00 52.05  ? 8   DT  A OP1   1 
ATOM   135 O  OP2   . DT  A 1 8  ? 0.193   8.084   8.192   1.00 55.19  ? 8   DT  A OP2   1 
ATOM   136 O  "O5'" . DT  A 1 8  ? 0.449   5.808   9.112   1.00 46.41  ? 8   DT  A "O5'" 1 
ATOM   137 C  "C5'" . DT  A 1 8  ? -0.006  4.508   9.482   1.00 44.52  ? 8   DT  A "C5'" 1 
ATOM   138 C  "C4'" . DT  A 1 8  ? 1.171   3.577   9.345   1.00 43.89  ? 8   DT  A "C4'" 1 
ATOM   139 O  "O4'" . DT  A 1 8  ? 1.365   3.338   7.943   1.00 42.41  ? 8   DT  A "O4'" 1 
ATOM   140 C  "C3'" . DT  A 1 8  ? 2.462   4.238   9.835   1.00 48.97  ? 8   DT  A "C3'" 1 
ATOM   141 O  "O3'" . DT  A 1 8  ? 2.907   3.607   11.030  1.00 53.05  ? 8   DT  A "O3'" 1 
ATOM   142 C  "C2'" . DT  A 1 8  ? 3.439   4.105   8.677   1.00 40.46  ? 8   DT  A "C2'" 1 
ATOM   143 C  "C1'" . DT  A 1 8  ? 2.744   3.167   7.708   1.00 41.47  ? 8   DT  A "C1'" 1 
ATOM   144 N  N1    . DT  A 1 8  ? 3.004   3.466   6.295   1.00 38.36  ? 8   DT  A N1    1 
ATOM   145 C  C2    . DT  A 1 8  ? 3.234   2.412   5.439   1.00 39.71  ? 8   DT  A C2    1 
ATOM   146 O  O2    . DT  A 1 8  ? 3.151   1.248   5.782   1.00 42.69  ? 8   DT  A O2    1 
ATOM   147 N  N3    . DT  A 1 8  ? 3.525   2.775   4.151   1.00 37.19  ? 8   DT  A N3    1 
ATOM   148 C  C4    . DT  A 1 8  ? 3.556   4.055   3.632   1.00 42.23  ? 8   DT  A C4    1 
ATOM   149 O  O4    . DT  A 1 8  ? 3.816   4.227   2.443   1.00 44.03  ? 8   DT  A O4    1 
ATOM   150 C  C5    . DT  A 1 8  ? 3.334   5.115   4.594   1.00 38.33  ? 8   DT  A C5    1 
ATOM   151 C  C7    . DT  A 1 8  ? 3.359   6.536   4.127   1.00 43.91  ? 8   DT  A C7    1 
ATOM   152 C  C6    . DT  A 1 8  ? 3.091   4.770   5.862   1.00 36.11  ? 8   DT  A C6    1 
HETATM 153 O  O1P   . D3N A 1 9  ? 4.131   5.667   11.422  1.00 57.06  ? 9   D3N A O1P   1 
HETATM 154 P  P     . D3N A 1 9  ? 4.131   4.216   11.818  1.00 59.57  ? 9   D3N A P     1 
HETATM 155 O  O2P   . D3N A 1 9  ? 4.087   3.917   13.246  1.00 57.35  ? 9   D3N A O2P   1 
HETATM 156 O  "O5'" . D3N A 1 9  ? 5.378   3.537   11.057  1.00 45.73  ? 9   D3N A "O5'" 1 
HETATM 157 C  "C5'" . D3N A 1 9  ? 6.618   4.147   11.173  1.00 56.53  ? 9   D3N A "C5'" 1 
HETATM 158 C  "C4'" . D3N A 1 9  ? 7.750   3.147   11.070  1.00 49.95  ? 9   D3N A "C4'" 1 
HETATM 159 O  "O4'" . D3N A 1 9  ? 8.068   3.028   9.711   1.00 46.67  ? 9   D3N A "O4'" 1 
HETATM 160 C  "C3'" . D3N A 1 9  ? 8.966   3.632   11.794  1.00 47.42  ? 9   D3N A "C3'" 1 
HETATM 161 O  "O3'" . D3N A 1 9  ? 8.960   2.835   13.043  1.00 54.09  ? 9   D3N A "O3'" 1 
HETATM 162 C  "C2'" . D3N A 1 9  ? 10.118  3.292   10.854  1.00 44.59  ? 9   D3N A "C2'" 1 
HETATM 163 C  "C1'" . D3N A 1 9  ? 9.472   2.896   9.556   1.00 46.91  ? 9   D3N A "C1'" 1 
HETATM 164 N  N1    . D3N A 1 9  ? 9.747   3.631   8.345   1.00 36.46  ? 9   D3N A N1    1 
HETATM 165 C  C2    . D3N A 1 9  ? 9.637   4.975   8.352   1.00 38.72  ? 9   D3N A C2    1 
HETATM 166 O  O2    . D3N A 1 9  ? 9.386   5.623   9.376   1.00 48.10  ? 9   D3N A O2    1 
HETATM 167 N  N3    . D3N A 1 9  ? 9.822   5.616   7.168   1.00 41.54  ? 9   D3N A N3    1 
HETATM 168 C  C4    . D3N A 1 9  ? 10.084  4.956   5.950   1.00 36.92  ? 9   D3N A C4    1 
HETATM 169 C  C5    . D3N A 1 9  ? 10.192  3.580   5.978   1.00 36.17  ? 9   D3N A C5    1 
HETATM 170 C  C6    . D3N A 1 9  ? 10.023  2.873   7.191   1.00 36.76  ? 9   D3N A C6    1 
HETATM 171 C  C7    . D3N A 1 9  ? 10.140  1.531   7.176   1.00 37.28  ? 9   D3N A C7    1 
HETATM 172 C  C8    . D3N A 1 9  ? 10.444  0.873   5.968   1.00 38.67  ? 9   D3N A C8    1 
HETATM 173 C  C9    . D3N A 1 9  ? 10.630  1.533   4.788   1.00 34.82  ? 9   D3N A C9    1 
HETATM 174 C  C10   . D3N A 1 9  ? 10.484  2.899   4.775   1.00 36.15  ? 9   D3N A C10   1 
HETATM 175 C  C11   . D3N A 1 9  ? 10.616  3.644   3.583   1.00 39.57  ? 9   D3N A C11   1 
HETATM 176 C  C12   . D3N A 1 9  ? 10.511  5.014   3.569   1.00 43.64  ? 9   D3N A C12   1 
HETATM 177 C  C13   . D3N A 1 9  ? 10.247  5.695   4.768   1.00 37.78  ? 9   D3N A C13   1 
ATOM   178 P  P     . DG  A 1 10 ? 10.096  3.044   14.173  1.00 52.40  ? 10  DG  A P     1 
ATOM   179 O  OP1   . DG  A 1 10 ? 9.455   2.790   15.495  1.00 52.96  ? 10  DG  A OP1   1 
ATOM   180 O  OP2   . DG  A 1 10 ? 10.776  4.364   13.955  1.00 49.83  ? 10  DG  A OP2   1 
ATOM   181 O  "O5'" . DG  A 1 10 ? 11.132  1.863   13.841  1.00 46.54  ? 10  DG  A "O5'" 1 
ATOM   182 C  "C5'" . DG  A 1 10 ? 10.747  0.504   13.549  1.00 40.41  ? 10  DG  A "C5'" 1 
ATOM   183 C  "C4'" . DG  A 1 10 ? 11.874  -0.184  12.803  1.00 46.19  ? 10  DG  A "C4'" 1 
ATOM   184 O  "O4'" . DG  A 1 10 ? 12.097  0.517   11.547  1.00 41.89  ? 10  DG  A "O4'" 1 
ATOM   185 C  "C3'" . DG  A 1 10 ? 13.242  -0.184  13.496  1.00 42.11  ? 10  DG  A "C3'" 1 
ATOM   186 O  "O3'" . DG  A 1 10 ? 14.014  -1.251  12.915  1.00 43.10  ? 10  DG  A "O3'" 1 
ATOM   187 C  "C2'" . DG  A 1 10 ? 13.857  1.100   12.980  1.00 37.56  ? 10  DG  A "C2'" 1 
ATOM   188 C  "C1'" . DG  A 1 10 ? 13.404  1.065   11.529  1.00 39.74  ? 10  DG  A "C1'" 1 
ATOM   189 N  N9    . DG  A 1 10 ? 13.335  2.362   10.868  1.00 36.64  ? 10  DG  A N9    1 
ATOM   190 C  C8    . DG  A 1 10 ? 13.143  3.584   11.473  1.00 38.12  ? 10  DG  A C8    1 
ATOM   191 N  N7    . DG  A 1 10 ? 13.095  4.575   10.623  1.00 33.59  ? 10  DG  A N7    1 
ATOM   192 C  C5    . DG  A 1 10 ? 13.266  3.971   9.381   1.00 32.82  ? 10  DG  A C5    1 
ATOM   193 C  C6    . DG  A 1 10 ? 13.287  4.536   8.083   1.00 33.36  ? 10  DG  A C6    1 
ATOM   194 O  O6    . DG  A 1 10 ? 13.178  5.724   7.758   1.00 33.85  ? 10  DG  A O6    1 
ATOM   195 N  N1    . DG  A 1 10 ? 13.531  3.573   7.107   1.00 32.10  ? 10  DG  A N1    1 
ATOM   196 C  C2    . DG  A 1 10 ? 13.596  2.225   7.333   1.00 32.80  ? 10  DG  A C2    1 
ATOM   197 N  N2    . DG  A 1 10 ? 13.836  1.458   6.250   1.00 30.07  ? 10  DG  A N2    1 
ATOM   198 N  N3    . DG  A 1 10 ? 13.581  1.678   8.543   1.00 30.93  ? 10  DG  A N3    1 
ATOM   199 C  C4    . DG  A 1 10 ? 13.391  2.604   9.512   1.00 36.17  ? 10  DG  A C4    1 
ATOM   200 P  P     . DC  A 1 11 ? 15.243  -1.967  13.701  1.00 45.72  ? 11  DC  A P     1 
ATOM   201 O  OP1   . DC  A 1 11 ? 14.738  -3.231  14.264  1.00 55.46  ? 11  DC  A OP1   1 
ATOM   202 O  OP2   . DC  A 1 11 ? 15.933  -0.996  14.594  1.00 40.18  ? 11  DC  A OP2   1 
ATOM   203 O  "O5'" . DC  A 1 11 ? 16.163  -2.402  12.475  1.00 42.94  ? 11  DC  A "O5'" 1 
ATOM   204 C  "C5'" . DC  A 1 11 ? 15.734  -3.447  11.614  1.00 35.76  ? 11  DC  A "C5'" 1 
ATOM   205 C  "C4'" . DC  A 1 11 ? 16.422  -3.336  10.275  1.00 38.62  ? 11  DC  A "C4'" 1 
ATOM   206 O  "O4'" . DC  A 1 11 ? 16.058  -2.079  9.669   1.00 38.55  ? 11  DC  A "O4'" 1 
ATOM   207 C  "C3'" . DC  A 1 11 ? 17.953  -3.351  10.322  1.00 41.61  ? 11  DC  A "C3'" 1 
ATOM   208 O  "O3'" . DC  A 1 11 ? 18.482  -4.149  9.256   1.00 36.55  ? 11  DC  A "O3'" 1 
ATOM   209 C  "C2'" . DC  A 1 11 ? 18.345  -1.916  10.004  1.00 35.59  ? 11  DC  A "C2'" 1 
ATOM   210 C  "C1'" . DC  A 1 11 ? 17.187  -1.459  9.129   1.00 32.15  ? 11  DC  A "C1'" 1 
ATOM   211 N  N1    . DC  A 1 11 ? 16.973  0.003   9.178   1.00 32.78  ? 11  DC  A N1    1 
ATOM   212 C  C2    . DC  A 1 11 ? 16.880  0.729   7.977   1.00 33.71  ? 11  DC  A C2    1 
ATOM   213 O  O2    . DC  A 1 11 ? 16.805  0.111   6.897   1.00 35.86  ? 11  DC  A O2    1 
ATOM   214 N  N3    . DC  A 1 11 ? 16.814  2.075   8.032   1.00 30.73  ? 11  DC  A N3    1 
ATOM   215 C  C4    . DC  A 1 11 ? 16.784  2.699   9.216   1.00 31.53  ? 11  DC  A C4    1 
ATOM   216 N  N4    . DC  A 1 11 ? 16.716  4.032   9.219   1.00 29.21  ? 11  DC  A N4    1 
ATOM   217 C  C5    . DC  A 1 11 ? 16.858  1.985   10.445  1.00 29.13  ? 11  DC  A C5    1 
ATOM   218 C  C6    . DC  A 1 11 ? 16.960  0.653   10.382  1.00 34.19  ? 11  DC  A C6    1 
ATOM   219 P  P     . DG  A 1 12 ? 19.782  -5.088  9.535   1.00 43.78  ? 12  DG  A P     1 
ATOM   220 O  OP1   . DG  A 1 12 ? 20.005  -5.905  8.316   1.00 44.28  ? 12  DG  A OP1   1 
ATOM   221 O  OP2   . DG  A 1 12 ? 19.619  -5.747  10.873  1.00 40.00  ? 12  DG  A OP2   1 
ATOM   222 O  "O5'" . DG  A 1 12 ? 20.963  -4.053  9.716   1.00 40.27  ? 12  DG  A "O5'" 1 
ATOM   223 C  "C5'" . DG  A 1 12 ? 21.477  -3.325  8.586   1.00 43.08  ? 12  DG  A "C5'" 1 
ATOM   224 C  "C4'" . DG  A 1 12 ? 22.637  -2.487  9.050   1.00 39.93  ? 12  DG  A "C4'" 1 
ATOM   225 O  "O4'" . DG  A 1 12 ? 22.133  -1.559  10.040  1.00 36.76  ? 12  DG  A "O4'" 1 
ATOM   226 C  "C3'" . DG  A 1 12 ? 23.708  -3.307  9.767   1.00 40.02  ? 12  DG  A "C3'" 1 
ATOM   227 O  "O3'" . DG  A 1 12 ? 24.770  -3.589  8.869   1.00 39.85  ? 12  DG  A "O3'" 1 
ATOM   228 C  "C2'" . DG  A 1 12 ? 24.165  -2.390  10.867  1.00 38.74  ? 12  DG  A "C2'" 1 
ATOM   229 C  "C1'" . DG  A 1 12 ? 22.886  -1.661  11.230  1.00 39.35  ? 12  DG  A "C1'" 1 
ATOM   230 N  N9    . DG  A 1 12 ? 22.047  -2.323  12.224  1.00 37.62  ? 12  DG  A N9    1 
ATOM   231 C  C8    . DG  A 1 12 ? 22.112  -3.637  12.626  1.00 44.00  ? 12  DG  A C8    1 
ATOM   232 N  N7    . DG  A 1 12 ? 21.194  -3.948  13.500  1.00 42.04  ? 12  DG  A N7    1 
ATOM   233 C  C5    . DG  A 1 12 ? 20.421  -2.799  13.609  1.00 41.36  ? 12  DG  A C5    1 
ATOM   234 C  C6    . DG  A 1 12 ? 19.270  -2.540  14.392  1.00 46.68  ? 12  DG  A C6    1 
ATOM   235 O  O6    . DG  A 1 12 ? 18.672  -3.303  15.158  1.00 44.90  ? 12  DG  A O6    1 
ATOM   236 N  N1    . DG  A 1 12 ? 18.827  -1.230  14.233  1.00 37.19  ? 12  DG  A N1    1 
ATOM   237 C  C2    . DG  A 1 12 ? 19.412  -0.292  13.421  1.00 37.43  ? 12  DG  A C2    1 
ATOM   238 N  N2    . DG  A 1 12 ? 18.841  0.921   13.420  1.00 34.27  ? 12  DG  A N2    1 
ATOM   239 N  N3    . DG  A 1 12 ? 20.451  -0.539  12.640  1.00 34.44  ? 12  DG  A N3    1 
ATOM   240 C  C4    . DG  A 1 12 ? 20.920  -1.795  12.808  1.00 38.94  ? 12  DG  A C4    1 
ATOM   241 O  "O3'" . DC  B 1 1  ? 19.528  10.714  0.220   1.00 104.56 ? 13  DC  B "O3'" 1 
ATOM   242 P  P     . DG  B 1 2  ? 20.018  9.383   0.973   1.00 105.65 ? 14  DG  B P     1 
ATOM   243 O  OP1   . DG  B 1 2  ? 19.502  9.434   2.374   1.00 96.18  ? 14  DG  B OP1   1 
ATOM   244 O  OP2   . DG  B 1 2  ? 21.485  9.209   0.719   1.00 78.96  ? 14  DG  B OP2   1 
ATOM   245 O  "O5'" . DG  B 1 2  ? 19.291  8.223   0.160   1.00 74.48  ? 14  DG  B "O5'" 1 
ATOM   246 C  "C5'" . DG  B 1 2  ? 20.061  7.134   -0.375  1.00 57.72  ? 14  DG  B "C5'" 1 
ATOM   247 C  "C4'" . DG  B 1 2  ? 19.180  5.932   -0.610  1.00 54.83  ? 14  DG  B "C4'" 1 
ATOM   248 O  "O4'" . DG  B 1 2  ? 18.864  5.264   0.635   1.00 52.37  ? 14  DG  B "O4'" 1 
ATOM   249 C  "C3'" . DG  B 1 2  ? 17.841  6.216   -1.280  1.00 47.69  ? 14  DG  B "C3'" 1 
ATOM   250 O  "O3'" . DG  B 1 2  ? 17.658  5.080   -2.114  1.00 47.75  ? 14  DG  B "O3'" 1 
ATOM   251 C  "C2'" . DG  B 1 2  ? 16.863  6.232   -0.118  1.00 44.50  ? 14  DG  B "C2'" 1 
ATOM   252 C  "C1'" . DG  B 1 2  ? 17.464  5.216   0.846   1.00 46.21  ? 14  DG  B "C1'" 1 
ATOM   253 N  N9    . DG  B 1 2  ? 17.235  5.537   2.245   1.00 32.96  ? 14  DG  B N9    1 
ATOM   254 C  C8    . DG  B 1 2  ? 17.316  6.791   2.798   1.00 38.11  ? 14  DG  B C8    1 
ATOM   255 N  N7    . DG  B 1 2  ? 17.218  6.785   4.100   1.00 34.89  ? 14  DG  B N7    1 
ATOM   256 C  C5    . DG  B 1 2  ? 17.057  5.446   4.427   1.00 35.32  ? 14  DG  B C5    1 
ATOM   257 C  C6    . DG  B 1 2  ? 16.908  4.827   5.691   1.00 32.74  ? 14  DG  B C6    1 
ATOM   258 O  O6    . DG  B 1 2  ? 16.822  5.360   6.804   1.00 38.67  ? 14  DG  B O6    1 
ATOM   259 N  N1    . DG  B 1 2  ? 16.735  3.452   5.567   1.00 33.06  ? 14  DG  B N1    1 
ATOM   260 C  C2    . DG  B 1 2  ? 16.844  2.745   4.390   1.00 30.22  ? 14  DG  B C2    1 
ATOM   261 N  N2    . DG  B 1 2  ? 16.709  1.403   4.483   1.00 32.78  ? 14  DG  B N2    1 
ATOM   262 N  N3    . DG  B 1 2  ? 17.029  3.310   3.206   1.00 33.84  ? 14  DG  B N3    1 
ATOM   263 C  C4    . DG  B 1 2  ? 17.125  4.656   3.298   1.00 34.05  ? 14  DG  B C4    1 
ATOM   264 P  P     . DC  B 1 3  ? 16.438  4.984   -3.095  1.00 52.14  ? 15  DC  B P     1 
ATOM   265 O  OP1   . DC  B 1 3  ? 16.833  4.086   -4.190  1.00 52.06  ? 15  DC  B OP1   1 
ATOM   266 O  OP2   . DC  B 1 3  ? 15.927  6.344   -3.348  1.00 47.13  ? 15  DC  B OP2   1 
ATOM   267 O  "O5'" . DC  B 1 3  ? 15.380  4.159   -2.251  1.00 45.23  ? 15  DC  B "O5'" 1 
ATOM   268 C  "C5'" . DC  B 1 3  ? 15.698  2.805   -1.915  1.00 46.29  ? 15  DC  B "C5'" 1 
ATOM   269 C  "C4'" . DC  B 1 3  ? 14.748  2.324   -0.852  1.00 42.32  ? 15  DC  B "C4'" 1 
ATOM   270 O  "O4'" . DC  B 1 3  ? 14.965  3.076   0.357   1.00 45.55  ? 15  DC  B "O4'" 1 
ATOM   271 C  "C3'" . DC  B 1 3  ? 13.259  2.492   -1.184  1.00 47.96  ? 15  DC  B "C3'" 1 
ATOM   272 O  "O3'" . DC  B 1 3  ? 12.631  1.214   -1.215  1.00 56.55  ? 15  DC  B "O3'" 1 
ATOM   273 C  "C2'" . DC  B 1 3  ? 12.681  3.217   0.024   1.00 42.57  ? 15  DC  B "C2'" 1 
ATOM   274 C  "C1'" . DC  B 1 3  ? 13.751  3.003   1.065   1.00 36.84  ? 15  DC  B "C1'" 1 
ATOM   275 N  N1    . DC  B 1 3  ? 13.777  4.028   2.107   1.00 37.49  ? 15  DC  B N1    1 
ATOM   276 C  C2    . DC  B 1 3  ? 13.710  3.629   3.441   1.00 35.12  ? 15  DC  B C2    1 
ATOM   277 O  O2    . DC  B 1 3  ? 13.661  2.406   3.706   1.00 30.92  ? 15  DC  B O2    1 
ATOM   278 N  N3    . DC  B 1 3  ? 13.708  4.570   4.411   1.00 30.96  ? 15  DC  B N3    1 
ATOM   279 C  C4    . DC  B 1 3  ? 13.736  5.864   4.084   1.00 35.63  ? 15  DC  B C4    1 
ATOM   280 N  N4    . DC  B 1 3  ? 13.735  6.753   5.069   1.00 31.76  ? 15  DC  B N4    1 
ATOM   281 C  C5    . DC  B 1 3  ? 13.851  6.297   2.732   1.00 31.16  ? 15  DC  B C5    1 
ATOM   282 C  C6    . DC  B 1 3  ? 13.870  5.352   1.783   1.00 30.61  ? 15  DC  B C6    1 
HETATM 283 P  P     . BZG B 1 4  ? 12.179  0.588   -2.611  1.00 59.25  ? 16  BZG B P     1 
HETATM 284 O  O1P   . BZG B 1 4  ? 11.005  1.398   -3.075  1.00 59.84  ? 16  BZG B O1P   1 
HETATM 285 O  O2P   . BZG B 1 4  ? 13.438  0.527   -3.403  1.00 58.44  ? 16  BZG B O2P   1 
HETATM 286 O  "O5'" . BZG B 1 4  ? 11.754  -0.867  -2.203  1.00 53.19  ? 16  BZG B "O5'" 1 
HETATM 287 C  CZ1   . BZG B 1 4  ? 6.453   4.248   6.701   1.00 37.15  ? 16  BZG B CZ1   1 
HETATM 288 C  CT1   . BZG B 1 4  ? 6.333   5.622   6.826   1.00 40.05  ? 16  BZG B CT1   1 
HETATM 289 C  CI    . BZG B 1 4  ? 6.529   6.472   5.728   1.00 46.13  ? 16  BZG B CI    1 
HETATM 290 C  CT2   . BZG B 1 4  ? 6.804   5.965   4.454   1.00 42.60  ? 16  BZG B CT2   1 
HETATM 291 C  CZ2   . BZG B 1 4  ? 6.924   4.570   4.316   1.00 41.87  ? 16  BZG B CZ2   1 
HETATM 292 C  CE    . BZG B 1 4  ? 6.739   3.729   5.419   1.00 36.41  ? 16  BZG B CE    1 
HETATM 293 C  CW    . BZG B 1 4  ? 6.839   2.248   5.228   1.00 39.93  ? 16  BZG B CW    1 
HETATM 294 O  OL    . BZG B 1 4  ? 7.302   1.948   3.887   1.00 43.12  ? 16  BZG B OL    1 
HETATM 295 C  CK    . BZG B 1 4  ? 7.717   0.661   3.571   1.00 40.04  ? 16  BZG B CK    1 
HETATM 296 N  NJ    . BZG B 1 4  ? 7.566   -0.319  4.490   1.00 43.22  ? 16  BZG B NJ    1 
HETATM 297 C  CH    . BZG B 1 4  ? 7.984   -1.586  4.218   1.00 43.83  ? 16  BZG B CH    1 
HETATM 298 N  NI    . BZG B 1 4  ? 7.812   -2.569  5.113   1.00 45.60  ? 16  BZG B NI    1 
HETATM 299 N  NG    . BZG B 1 4  ? 8.577   -1.906  3.039   1.00 42.53  ? 16  BZG B NG    1 
HETATM 300 C  CF    . BZG B 1 4  ? 8.740   -0.957  2.114   1.00 39.41  ? 16  BZG B CF    1 
HETATM 301 C  CM    . BZG B 1 4  ? 8.346   0.355   2.362   1.00 37.34  ? 16  BZG B CM    1 
HETATM 302 N  NN    . BZG B 1 4  ? 8.651   1.055   1.233   1.00 45.16  ? 16  BZG B NN    1 
HETATM 303 C  CO    . BZG B 1 4  ? 9.242   0.193   0.357   1.00 37.18  ? 16  BZG B CO    1 
HETATM 304 N  NE    . BZG B 1 4  ? 9.257   -1.030  0.915   1.00 41.81  ? 16  BZG B NE    1 
HETATM 305 C  "CT'" . BZG B 1 4  ? 9.844   -2.276  0.353   1.00 48.18  ? 16  BZG B "CT'" 1 
HETATM 306 O  "OS'" . BZG B 1 4  ? 11.271  -2.159  0.320   1.00 50.49  ? 16  BZG B "OS'" 1 
HETATM 307 C  "CP'" . BZG B 1 4  ? 9.447   -2.534  -1.087  1.00 51.14  ? 16  BZG B "CP'" 1 
HETATM 308 C  "C5'" . BZG B 1 4  ? 12.674  -1.773  -1.591  1.00 55.03  ? 16  BZG B "C5'" 1 
HETATM 309 C  "C4'" . BZG B 1 4  ? 11.831  -2.794  -0.845  1.00 54.38  ? 16  BZG B "C4'" 1 
HETATM 310 C  "C3'" . BZG B 1 4  ? 10.634  -3.298  -1.642  1.00 49.35  ? 16  BZG B "C3'" 1 
HETATM 311 O  "O3'" . BZG B 1 4  ? 10.482  -4.668  -1.263  1.00 53.57  ? 16  BZG B "O3'" 1 
ATOM   312 P  P     . DA  B 1 5  ? 9.345   -5.595  -1.949  1.00 57.46  ? 17  DA  B P     1 
ATOM   313 O  OP1   . DA  B 1 5  ? 9.820   -7.001  -1.913  1.00 58.86  ? 17  DA  B OP1   1 
ATOM   314 O  OP2   . DA  B 1 5  ? 8.966   -4.982  -3.252  1.00 55.69  ? 17  DA  B OP2   1 
ATOM   315 O  "O5'" . DA  B 1 5  ? 8.149   -5.547  -0.896  1.00 51.31  ? 17  DA  B "O5'" 1 
ATOM   316 C  "C5'" . DA  B 1 5  ? 8.326   -6.052  0.437   1.00 51.08  ? 17  DA  B "C5'" 1 
ATOM   317 C  "C4'" . DA  B 1 5  ? 7.054   -5.813  1.213   1.00 53.59  ? 17  DA  B "C4'" 1 
ATOM   318 O  "O4'" . DA  B 1 5  ? 6.868   -4.386  1.434   1.00 48.85  ? 17  DA  B "O4'" 1 
ATOM   319 C  "C3'" . DA  B 1 5  ? 5.811   -6.271  0.449   1.00 51.37  ? 17  DA  B "C3'" 1 
ATOM   320 O  "O3'" . DA  B 1 5  ? 4.894   -6.741  1.423   1.00 65.84  ? 17  DA  B "O3'" 1 
ATOM   321 C  "C2'" . DA  B 1 5  ? 5.281   -4.980  -0.154  1.00 43.01  ? 17  DA  B "C2'" 1 
ATOM   322 C  "C1'" . DA  B 1 5  ? 5.576   -4.029  0.991   1.00 45.18  ? 17  DA  B "C1'" 1 
ATOM   323 N  N9    . DA  B 1 5  ? 5.580   -2.613  0.639   1.00 38.03  ? 17  DA  B N9    1 
ATOM   324 C  C8    . DA  B 1 5  ? 5.878   -2.014  -0.560  1.00 42.14  ? 17  DA  B C8    1 
ATOM   325 N  N7    . DA  B 1 5  ? 5.687   -0.716  -0.565  1.00 44.19  ? 17  DA  B N7    1 
ATOM   326 C  C5    . DA  B 1 5  ? 5.249   -0.441  0.725   1.00 37.91  ? 17  DA  B C5    1 
ATOM   327 C  C6    . DA  B 1 5  ? 4.891   0.754   1.364   1.00 34.62  ? 17  DA  B C6    1 
ATOM   328 N  N6    . DA  B 1 5  ? 4.917   1.950   0.767   1.00 40.59  ? 17  DA  B N6    1 
ATOM   329 N  N1    . DA  B 1 5  ? 4.466   0.678   2.642   1.00 38.79  ? 17  DA  B N1    1 
ATOM   330 C  C2    . DA  B 1 5  ? 4.445   -0.519  3.242   1.00 40.00  ? 17  DA  B C2    1 
ATOM   331 N  N3    . DA  B 1 5  ? 4.769   -1.712  2.749   1.00 45.23  ? 17  DA  B N3    1 
ATOM   332 C  C4    . DA  B 1 5  ? 5.162   -1.602  1.470   1.00 35.76  ? 17  DA  B C4    1 
ATOM   333 P  P     . DA  B 1 6  ? 4.265   -8.168  1.272   1.00 60.35  ? 18  DA  B P     1 
ATOM   334 O  OP1   . DA  B 1 6  ? 5.314   -9.165  1.600   1.00 63.82  ? 18  DA  B OP1   1 
ATOM   335 O  OP2   . DA  B 1 6  ? 3.560   -8.218  -0.026  1.00 49.85  ? 18  DA  B OP2   1 
ATOM   336 O  "O5'" . DA  B 1 6  ? 3.132   -8.151  2.384   1.00 59.82  ? 18  DA  B "O5'" 1 
ATOM   337 C  "C5'" . DA  B 1 6  ? 3.469   -8.031  3.770   1.00 53.72  ? 18  DA  B "C5'" 1 
ATOM   338 C  "C4'" . DA  B 1 6  ? 2.393   -7.233  4.462   1.00 52.59  ? 18  DA  B "C4'" 1 
ATOM   339 O  "O4'" . DA  B 1 6  ? 2.492   -5.847  4.069   1.00 55.38  ? 18  DA  B "O4'" 1 
ATOM   340 C  "C3'" . DA  B 1 6  ? 0.975   -7.677  4.113   1.00 44.97  ? 18  DA  B "C3'" 1 
ATOM   341 O  "O3'" . DA  B 1 6  ? 0.331   -7.984  5.343   1.00 59.93  ? 18  DA  B "O3'" 1 
ATOM   342 C  "C2'" . DA  B 1 6  ? 0.387   -6.513  3.323   1.00 50.88  ? 18  DA  B "C2'" 1 
ATOM   343 C  "C1'" . DA  B 1 6  ? 1.215   -5.327  3.771   1.00 45.59  ? 18  DA  B "C1'" 1 
ATOM   344 N  N9    . DA  B 1 6  ? 1.403   -4.272  2.775   1.00 41.89  ? 18  DA  B N9    1 
ATOM   345 C  C8    . DA  B 1 6  ? 1.974   -4.380  1.532   1.00 35.00  ? 18  DA  B C8    1 
ATOM   346 N  N7    . DA  B 1 6  ? 2.020   -3.245  0.875   1.00 40.93  ? 18  DA  B N7    1 
ATOM   347 C  C5    . DA  B 1 6  ? 1.510   -2.317  1.775   1.00 39.79  ? 18  DA  B C5    1 
ATOM   348 C  C6    . DA  B 1 6  ? 1.343   -0.922  1.705   1.00 41.31  ? 18  DA  B C6    1 
ATOM   349 N  N6    . DA  B 1 6  ? 1.703   -0.184  0.650   1.00 35.05  ? 18  DA  B N6    1 
ATOM   350 N  N1    . DA  B 1 6  ? 0.831   -0.296  2.788   1.00 37.78  ? 18  DA  B N1    1 
ATOM   351 C  C2    . DA  B 1 6  ? 0.501   -1.029  3.852   1.00 39.76  ? 18  DA  B C2    1 
ATOM   352 N  N3    . DA  B 1 6  ? 0.613   -2.342  4.039   1.00 44.05  ? 18  DA  B N3    1 
ATOM   353 C  C4    . DA  B 1 6  ? 1.160   -2.930  2.960   1.00 39.60  ? 18  DA  B C4    1 
ATOM   354 P  P     . DT  B 1 7  ? -1.038  -8.775  5.341   1.00 66.24  ? 19  DT  B P     1 
ATOM   355 O  OP1   . DT  B 1 7  ? -1.255  -9.296  6.716   1.00 73.70  ? 19  DT  B OP1   1 
ATOM   356 O  OP2   . DT  B 1 7  ? -1.033  -9.696  4.177   1.00 73.00  ? 19  DT  B OP2   1 
ATOM   357 O  "O5'" . DT  B 1 7  ? -2.084  -7.603  5.112   1.00 63.34  ? 19  DT  B "O5'" 1 
ATOM   358 C  "C5'" . DT  B 1 7  ? -2.147  -6.562  6.094   1.00 59.35  ? 19  DT  B "C5'" 1 
ATOM   359 C  "C4'" . DT  B 1 7  ? -2.991  -5.423  5.586   1.00 52.77  ? 19  DT  B "C4'" 1 
ATOM   360 O  "O4'" . DT  B 1 7  ? -2.263  -4.653  4.621   1.00 43.01  ? 19  DT  B "O4'" 1 
ATOM   361 C  "C3'" . DT  B 1 7  ? -4.266  -5.859  4.869   1.00 50.15  ? 19  DT  B "C3'" 1 
ATOM   362 O  "O3'" . DT  B 1 7  ? -5.313  -5.799  5.827   1.00 57.13  ? 19  DT  B "O3'" 1 
ATOM   363 C  "C2'" . DT  B 1 7  ? -4.448  -4.809  3.779   1.00 47.40  ? 19  DT  B "C2'" 1 
ATOM   364 C  "C1'" . DT  B 1 7  ? -3.237  -3.893  3.953   1.00 44.86  ? 19  DT  B "C1'" 1 
ATOM   365 N  N1    . DT  B 1 7  ? -2.647  -3.392  2.721   1.00 41.99  ? 19  DT  B N1    1 
ATOM   366 C  C2    . DT  B 1 7  ? -2.650  -2.030  2.533   1.00 40.74  ? 19  DT  B C2    1 
ATOM   367 O  O2    . DT  B 1 7  ? -3.101  -1.246  3.350   1.00 45.09  ? 19  DT  B O2    1 
ATOM   368 N  N3    . DT  B 1 7  ? -2.060  -1.613  1.365   1.00 38.44  ? 19  DT  B N3    1 
ATOM   369 C  C4    . DT  B 1 7  ? -1.545  -2.405  0.364   1.00 39.65  ? 19  DT  B C4    1 
ATOM   370 O  O4    . DT  B 1 7  ? -1.084  -1.883  -0.647  1.00 40.87  ? 19  DT  B O4    1 
ATOM   371 C  C5    . DT  B 1 7  ? -1.612  -3.831  0.607   1.00 37.60  ? 19  DT  B C5    1 
ATOM   372 C  C7    . DT  B 1 7  ? -1.094  -4.769  -0.437  1.00 38.18  ? 19  DT  B C7    1 
ATOM   373 C  C6    . DT  B 1 7  ? -2.152  -4.249  1.761   1.00 40.86  ? 19  DT  B C6    1 
ATOM   374 P  P     . DT  B 1 8  ? -6.729  -6.387  5.488   1.00 61.96  ? 20  DT  B P     1 
ATOM   375 O  OP1   . DT  B 1 8  ? -7.400  -6.710  6.774   1.00 72.95  ? 20  DT  B OP1   1 
ATOM   376 O  OP2   . DT  B 1 8  ? -6.542  -7.451  4.459   1.00 58.29  ? 20  DT  B OP2   1 
ATOM   377 O  "O5'" . DT  B 1 8  ? -7.466  -5.118  4.870   1.00 52.32  ? 20  DT  B "O5'" 1 
ATOM   378 C  "C5'" . DT  B 1 8  ? -7.464  -3.873  5.576   1.00 47.16  ? 20  DT  B "C5'" 1 
ATOM   379 C  "C4'" . DT  B 1 8  ? -8.131  -2.815  4.731   1.00 54.14  ? 20  DT  B "C4'" 1 
ATOM   380 O  "O4'" . DT  B 1 8  ? -7.181  -2.339  3.752   1.00 51.72  ? 20  DT  B "O4'" 1 
ATOM   381 C  "C3'" . DT  B 1 8  ? -9.341  -3.315  3.935   1.00 55.66  ? 20  DT  B "C3'" 1 
ATOM   382 O  "O3'" . DT  B 1 8  ? -10.419 -2.382  4.023   1.00 62.72  ? 20  DT  B "O3'" 1 
ATOM   383 C  "C2'" . DT  B 1 8  ? -8.832  -3.398  2.510   1.00 48.82  ? 20  DT  B "C2'" 1 
ATOM   384 C  "C1'" . DT  B 1 8  ? -7.806  -2.289  2.498   1.00 48.53  ? 20  DT  B "C1'" 1 
ATOM   385 N  N1    . DT  B 1 8  ? -6.769  -2.433  1.485   1.00 41.47  ? 20  DT  B N1    1 
ATOM   386 C  C2    . DT  B 1 8  ? -6.279  -1.275  0.938   1.00 42.38  ? 20  DT  B C2    1 
ATOM   387 O  O2    . DT  B 1 8  ? -6.684  -0.173  1.257   1.00 40.94  ? 20  DT  B O2    1 
ATOM   388 N  N3    . DT  B 1 8  ? -5.335  -1.461  -0.041  1.00 39.48  ? 20  DT  B N3    1 
ATOM   389 C  C4    . DT  B 1 8  ? -4.810  -2.662  -0.475  1.00 43.13  ? 20  DT  B C4    1 
ATOM   390 O  O4    . DT  B 1 8  ? -3.942  -2.671  -1.342  1.00 43.85  ? 20  DT  B O4    1 
ATOM   391 C  C5    . DT  B 1 8  ? -5.348  -3.841  0.176   1.00 36.61  ? 20  DT  B C5    1 
ATOM   392 C  C7    . DT  B 1 8  ? -4.848  -5.192  -0.229  1.00 41.24  ? 20  DT  B C7    1 
ATOM   393 C  C6    . DT  B 1 8  ? -6.278  -3.664  1.120   1.00 31.95  ? 20  DT  B C6    1 
HETATM 394 O  O1P   . D3N B 1 9  ? -11.935 -4.376  3.837   1.00 57.63  ? 21  D3N B O1P   1 
HETATM 395 P  P     . D3N B 1 9  ? -11.899 -2.878  3.718   1.00 73.10  ? 21  D3N B P     1 
HETATM 396 O  O2P   . D3N B 1 9  ? -12.746 -2.023  4.570   1.00 71.06  ? 21  D3N B O2P   1 
HETATM 397 O  "O5'" . D3N B 1 9  ? -12.094 -2.441  2.212   1.00 65.54  ? 21  D3N B "O5'" 1 
HETATM 398 C  "C5'" . D3N B 1 9  ? -13.006 -3.176  1.433   1.00 68.44  ? 21  D3N B "C5'" 1 
HETATM 399 C  "C4'" . D3N B 1 9  ? -13.483 -2.361  0.264   1.00 63.43  ? 21  D3N B "C4'" 1 
HETATM 400 O  "O4'" . D3N B 1 9  ? -12.484 -2.493  -0.694  1.00 56.75  ? 21  D3N B "O4'" 1 
HETATM 401 C  "C3'" . D3N B 1 9  ? -14.683 -2.960  -0.366  1.00 63.88  ? 21  D3N B "C3'" 1 
HETATM 402 O  "O3'" . D3N B 1 9  ? -15.800 -2.293  0.215   1.00 67.07  ? 21  D3N B "O3'" 1 
HETATM 403 C  "C2'" . D3N B 1 9  ? -14.513 -2.685  -1.857  1.00 56.92  ? 21  D3N B "C2'" 1 
HETATM 404 C  "C1'" . D3N B 1 9  ? -13.078 -2.194  -1.960  1.00 52.83  ? 21  D3N B "C1'" 1 
HETATM 405 N  N1    . D3N B 1 9  ? -12.147 -2.750  -2.914  1.00 47.27  ? 21  D3N B N1    1 
HETATM 406 C  C2    . D3N B 1 9  ? -11.924 -4.096  -2.888  1.00 47.67  ? 21  D3N B C2    1 
HETATM 407 O  O2    . D3N B 1 9  ? -12.553 -4.835  -2.137  1.00 53.65  ? 21  D3N B O2    1 
HETATM 408 N  N3    . D3N B 1 9  ? -11.035 -4.592  -3.771  1.00 43.83  ? 21  D3N B N3    1 
HETATM 409 C  C4    . D3N B 1 9  ? -10.257 -3.796  -4.632  1.00 39.23  ? 21  D3N B C4    1 
HETATM 410 C  C5    . D3N B 1 9  ? -10.462 -2.418  -4.633  1.00 44.29  ? 21  D3N B C5    1 
HETATM 411 C  C6    . D3N B 1 9  ? -11.425 -1.856  -3.779  1.00 42.62  ? 21  D3N B C6    1 
HETATM 412 C  C7    . D3N B 1 9  ? -11.642 -0.499  -3.818  1.00 52.13  ? 21  D3N B C7    1 
HETATM 413 C  C8    . D3N B 1 9  ? -10.880 0.276   -4.706  1.00 39.74  ? 21  D3N B C8    1 
HETATM 414 C  C9    . D3N B 1 9  ? -9.956  -0.240  -5.538  1.00 47.35  ? 21  D3N B C9    1 
HETATM 415 C  C10   . D3N B 1 9  ? -9.706  -1.601  -5.515  1.00 41.01  ? 21  D3N B C10   1 
HETATM 416 C  C11   . D3N B 1 9  ? -8.778  -2.204  -6.362  1.00 43.98  ? 21  D3N B C11   1 
HETATM 417 C  C12   . D3N B 1 9  ? -8.572  -3.542  -6.320  1.00 45.05  ? 21  D3N B C12   1 
HETATM 418 C  C13   . D3N B 1 9  ? -9.323  -4.370  -5.461  1.00 47.17  ? 21  D3N B C13   1 
ATOM   419 P  P     . DG  B 1 10 ? -17.282 -2.751  -0.169  1.00 60.70  ? 22  DG  B P     1 
ATOM   420 O  OP1   . DG  B 1 10 ? -18.166 -2.416  0.976   1.00 63.59  ? 22  DG  B OP1   1 
ATOM   421 O  OP2   . DG  B 1 10 ? -17.213 -4.163  -0.649  1.00 51.49  ? 22  DG  B OP2   1 
ATOM   422 O  "O5'" . DG  B 1 10 ? -17.661 -1.725  -1.331  1.00 56.71  ? 22  DG  B "O5'" 1 
ATOM   423 C  "C5'" . DG  B 1 10 ? -17.275 -0.329  -1.272  1.00 44.99  ? 22  DG  B "C5'" 1 
ATOM   424 C  "C4'" . DG  B 1 10 ? -17.253 0.271   -2.660  1.00 50.00  ? 22  DG  B "C4'" 1 
ATOM   425 O  "O4'" . DG  B 1 10 ? -16.223 -0.363  -3.454  1.00 42.89  ? 22  DG  B "O4'" 1 
ATOM   426 C  "C3'" . DG  B 1 10 ? -18.537 0.096   -3.473  1.00 48.07  ? 22  DG  B "C3'" 1 
ATOM   427 O  "O3'" . DG  B 1 10 ? -18.521 1.136   -4.444  1.00 50.84  ? 22  DG  B "O3'" 1 
ATOM   428 C  "C2'" . DG  B 1 10 ? -18.286 -1.201  -4.211  1.00 41.22  ? 22  DG  B "C2'" 1 
ATOM   429 C  "C1'" . DG  B 1 10 ? -16.814 -1.024  -4.569  1.00 41.10  ? 22  DG  B "C1'" 1 
ATOM   430 N  N9    . DG  B 1 10 ? -16.063 -2.248  -4.819  1.00 35.88  ? 22  DG  B N9    1 
ATOM   431 C  C8    . DG  B 1 10 ? -16.321 -3.502  -4.319  1.00 41.27  ? 22  DG  B C8    1 
ATOM   432 N  N7    . DG  B 1 10 ? -15.485 -4.406  -4.748  1.00 35.66  ? 22  DG  B N7    1 
ATOM   433 C  C5    . DG  B 1 10 ? -14.620 -3.708  -5.581  1.00 38.68  ? 22  DG  B C5    1 
ATOM   434 C  C6    . DG  B 1 10 ? -13.516 -4.157  -6.339  1.00 36.57  ? 22  DG  B C6    1 
ATOM   435 O  O6    . DG  B 1 10 ? -13.067 -5.298  -6.440  1.00 38.62  ? 22  DG  B O6    1 
ATOM   436 N  N1    . DG  B 1 10 ? -12.896 -3.110  -7.009  1.00 32.06  ? 22  DG  B N1    1 
ATOM   437 C  C2    . DG  B 1 10 ? -13.323 -1.812  -7.011  1.00 37.35  ? 22  DG  B C2    1 
ATOM   438 N  N2    . DG  B 1 10 ? -12.646 -0.973  -7.800  1.00 33.23  ? 22  DG  B N2    1 
ATOM   439 N  N3    . DG  B 1 10 ? -14.379 -1.384  -6.340  1.00 37.31  ? 22  DG  B N3    1 
ATOM   440 C  C4    . DG  B 1 10 ? -14.952 -2.373  -5.619  1.00 35.81  ? 22  DG  B C4    1 
ATOM   441 P  P     . DC  B 1 11 ? -19.878 1.726   -4.993  1.00 54.63  ? 23  DC  B P     1 
ATOM   442 O  OP1   . DC  B 1 11 ? -20.176 2.949   -4.198  1.00 72.54  ? 23  DC  B OP1   1 
ATOM   443 O  OP2   . DC  B 1 11 ? -20.868 0.630   -5.017  1.00 46.04  ? 23  DC  B OP2   1 
ATOM   444 O  "O5'" . DC  B 1 11 ? -19.463 2.262   -6.441  1.00 50.89  ? 23  DC  B "O5'" 1 
ATOM   445 C  "C5'" . DC  B 1 11 ? -18.566 3.379   -6.562  1.00 44.12  ? 23  DC  B "C5'" 1 
ATOM   446 C  "C4'" . DC  B 1 11 ? -17.764 3.295   -7.841  1.00 43.81  ? 23  DC  B "C4'" 1 
ATOM   447 O  "O4'" . DC  B 1 11 ? -16.940 2.101   -7.821  1.00 42.06  ? 23  DC  B "O4'" 1 
ATOM   448 C  "C3'" . DC  B 1 11 ? -18.601 3.219   -9.121  1.00 38.81  ? 23  DC  B "C3'" 1 
ATOM   449 O  "O3'" . DC  B 1 11 ? -18.060 4.078   -10.120 1.00 45.37  ? 23  DC  B "O3'" 1 
ATOM   450 C  "C2'" . DC  B 1 11 ? -18.446 1.775   -9.572  1.00 40.79  ? 23  DC  B "C2'" 1 
ATOM   451 C  "C1'" . DC  B 1 11 ? -17.049 1.446   -9.075  1.00 33.88  ? 23  DC  B "C1'" 1 
ATOM   452 N  N1    . DC  B 1 11 ? -16.822 0.011   -8.862  1.00 36.40  ? 23  DC  B N1    1 
ATOM   453 C  C2    . DC  B 1 11 ? -15.675 -0.590  -9.400  1.00 32.79  ? 23  DC  B C2    1 
ATOM   454 O  O2    . DC  B 1 11 ? -14.827 0.124   -9.971  1.00 36.07  ? 23  DC  B O2    1 
ATOM   455 N  N3    . DC  B 1 11 ? -15.520 -1.933  -9.287  1.00 30.32  ? 23  DC  B N3    1 
ATOM   456 C  C4    . DC  B 1 11 ? -16.449 -2.660  -8.657  1.00 32.96  ? 23  DC  B C4    1 
ATOM   457 N  N4    . DC  B 1 11 ? -16.269 -3.981  -8.592  1.00 32.29  ? 23  DC  B N4    1 
ATOM   458 C  C5    . DC  B 1 11 ? -17.593 -2.061  -8.049  1.00 32.52  ? 23  DC  B C5    1 
ATOM   459 C  C6    . DC  B 1 11 ? -17.750 -0.742  -8.198  1.00 37.44  ? 23  DC  B C6    1 
ATOM   460 P  P     . DG  B 1 12 ? -19.066 4.958   -11.026 1.00 52.39  ? 24  DG  B P     1 
ATOM   461 O  OP1   . DG  B 1 12 ? -18.254 5.854   -11.915 1.00 51.58  ? 24  DG  B OP1   1 
ATOM   462 O  OP2   . DG  B 1 12 ? -20.128 5.489   -10.134 1.00 48.36  ? 24  DG  B OP2   1 
ATOM   463 O  "O5'" . DG  B 1 12 ? -19.734 3.874   -11.981 1.00 46.27  ? 24  DG  B "O5'" 1 
ATOM   464 C  "C5'" . DG  B 1 12 ? -18.937 3.186   -12.955 1.00 44.58  ? 24  DG  B "C5'" 1 
ATOM   465 C  "C4'" . DG  B 1 12 ? -19.822 2.209   -13.679 1.00 39.93  ? 24  DG  B "C4'" 1 
ATOM   466 O  "O4'" . DG  B 1 12 ? -20.260 1.212   -12.724 1.00 36.23  ? 24  DG  B "O4'" 1 
ATOM   467 C  "C3'" . DG  B 1 12 ? -21.095 2.845   -14.229 1.00 41.18  ? 24  DG  B "C3'" 1 
ATOM   468 O  "O3'" . DG  B 1 12 ? -20.877 3.209   -15.598 1.00 45.43  ? 24  DG  B "O3'" 1 
ATOM   469 C  "C2'" . DG  B 1 12 ? -22.135 1.765   -14.028 1.00 44.61  ? 24  DG  B "C2'" 1 
ATOM   470 C  "C1'" . DG  B 1 12 ? -21.665 1.081   -12.757 1.00 39.64  ? 24  DG  B "C1'" 1 
ATOM   471 N  N9    . DG  B 1 12 ? -22.172 1.686   -11.541 1.00 44.84  ? 24  DG  B N9    1 
ATOM   472 C  C8    . DG  B 1 12 ? -22.642 2.968   -11.405 1.00 50.34  ? 24  DG  B C8    1 
ATOM   473 N  N7    . DG  B 1 12 ? -22.943 3.274   -10.172 1.00 46.30  ? 24  DG  B N7    1 
ATOM   474 C  C5    . DG  B 1 12 ? -22.558 2.162   -9.440  1.00 46.08  ? 24  DG  B C5    1 
ATOM   475 C  C6    . DG  B 1 12 ? -22.646 1.905   -8.048  1.00 53.78  ? 24  DG  B C6    1 
ATOM   476 O  O6    . DG  B 1 12 ? -23.046 2.660   -7.147  1.00 50.57  ? 24  DG  B O6    1 
ATOM   477 N  N1    . DG  B 1 12 ? -22.157 0.638   -7.732  1.00 42.62  ? 24  DG  B N1    1 
ATOM   478 C  C2    . DG  B 1 12 ? -21.692 -0.284  -8.643  1.00 42.89  ? 24  DG  B C2    1 
ATOM   479 N  N2    . DG  B 1 12 ? -21.318 -1.481  -8.146  1.00 37.64  ? 24  DG  B N2    1 
ATOM   480 N  N3    . DG  B 1 12 ? -21.627 -0.061  -9.945  1.00 42.44  ? 24  DG  B N3    1 
ATOM   481 C  C4    . DG  B 1 12 ? -22.068 1.174   -10.271 1.00 45.36  ? 24  DG  B C4    1 
HETATM 482 N  N1    . SPM C 2 .  ? -15.469 -7.804  -6.460  0.50 45.16  ? 101 SPM A N1    1 
HETATM 483 C  C2    . SPM C 2 .  ? -14.972 -8.156  -7.781  1.00 50.52  ? 101 SPM A C2    1 
HETATM 484 C  C3    . SPM C 2 .  ? -16.026 -7.906  -8.867  1.00 49.96  ? 101 SPM A C3    1 
HETATM 485 C  C4    . SPM C 2 .  ? -15.349 -7.933  -10.218 1.00 46.18  ? 101 SPM A C4    1 
HETATM 486 N  N5    . SPM C 2 .  ? -16.232 -8.013  -11.378 1.00 49.66  ? 101 SPM A N5    1 
HETATM 487 C  C6    . SPM C 2 .  ? -15.576 -7.914  -12.683 1.00 40.82  ? 101 SPM A C6    1 
HETATM 488 C  C7    . SPM C 2 .  ? -16.522 -8.194  -13.816 1.00 44.69  ? 101 SPM A C7    1 
HETATM 489 C  C8    . SPM C 2 .  ? -15.990 -7.488  -15.041 1.00 45.41  ? 101 SPM A C8    1 
HETATM 490 C  C9    . SPM C 2 .  ? -16.519 -8.268  -16.218 1.00 39.65  ? 101 SPM A C9    1 
HETATM 491 N  N10   . SPM C 2 .  ? -17.079 -7.404  -17.217 1.00 48.73  ? 101 SPM A N10   1 
HETATM 492 C  C11   . SPM C 2 .  ? -16.396 -7.299  -18.521 1.00 42.36  ? 101 SPM A C11   1 
HETATM 493 C  C12   . SPM C 2 .  ? -17.264 -7.947  -19.607 1.00 40.48  ? 101 SPM A C12   1 
HETATM 494 C  C13   . SPM C 2 .  ? -16.594 -7.960  -21.019 1.00 36.10  ? 101 SPM A C13   1 
HETATM 495 N  N14   . SPM C 2 .  ? -15.224 -8.301  -20.822 1.00 26.41  ? 101 SPM A N14   1 
HETATM 496 SR SR    . SR  D 3 .  ? 18.002  -4.033  17.659  1.00 80.43  ? 102 SR  A SR    1 
HETATM 497 O  O     . HOH E 4 .  ? 2.947   7.720   7.517   1.00 50.57  ? 201 HOH A O     1 
HETATM 498 O  O     . HOH E 4 .  ? 2.601   3.381   -1.378  1.00 55.74  ? 202 HOH A O     1 
HETATM 499 O  O     . HOH E 4 .  ? 16.507  5.425   11.811  1.00 37.30  ? 203 HOH A O     1 
HETATM 500 O  O     . HOH E 4 .  ? 7.340   7.526   9.934   1.00 39.96  ? 204 HOH A O     1 
HETATM 501 O  O     . HOH E 4 .  ? 16.800  -7.328  13.757  1.00 76.18  ? 205 HOH A O     1 
HETATM 502 O  O     . HOH E 4 .  ? -10.847 -10.719 -12.589 0.50 39.91  ? 206 HOH A O     1 
HETATM 503 O  O     . HOH E 4 .  ? 20.253  -5.913  15.815  1.00 64.27  ? 207 HOH A O     1 
HETATM 504 O  O     . HOH E 4 .  ? 24.122  -6.132  12.179  1.00 43.14  ? 208 HOH A O     1 
HETATM 505 O  O     . HOH E 4 .  ? 19.122  -9.847  12.840  1.00 68.21  ? 209 HOH A O     1 
HETATM 506 O  O     . HOH E 4 .  ? 10.469  1.536   17.636  0.50 32.95  ? 210 HOH A O     1 
HETATM 507 O  O     . HOH E 4 .  ? 13.673  -1.054  8.565   1.00 36.92  ? 211 HOH A O     1 
HETATM 508 O  O     . HOH E 4 .  ? 26.338  -5.521  10.719  1.00 39.00  ? 212 HOH A O     1 
HETATM 509 O  O     . HOH E 4 .  ? 24.815  -3.230  5.050   1.00 56.75  ? 213 HOH A O     1 
HETATM 510 O  O     . HOH E 4 .  ? 4.767   7.408   9.855   0.50 34.77  ? 214 HOH A O     1 
HETATM 511 O  O     . HOH E 4 .  ? -9.607  -14.188 -17.422 1.00 47.55  ? 215 HOH A O     1 
HETATM 512 O  O     . HOH E 4 .  ? -19.339 -9.102  -11.917 0.50 36.19  ? 216 HOH A O     1 
HETATM 513 O  O     . HOH E 4 .  ? -1.740  -3.972  -15.063 1.00 67.16  ? 217 HOH A O     1 
HETATM 514 O  O     . HOH E 4 .  ? 12.486  0.908   16.988  0.50 43.01  ? 218 HOH A O     1 
HETATM 515 O  O     . HOH E 4 .  ? 2.126   5.430   -10.340 0.50 44.49  ? 219 HOH A O     1 
HETATM 516 O  O     . HOH E 4 .  ? -7.828  -12.675 -16.433 0.50 39.46  ? 220 HOH A O     1 
HETATM 517 O  O     . HOH E 4 .  ? 9.192   -0.414  17.732  0.50 31.11  ? 221 HOH A O     1 
HETATM 518 O  O     . HOH E 4 .  ? -4.997  3.586   3.910   1.00 52.47  ? 222 HOH A O     1 
HETATM 519 O  O     . HOH E 4 .  ? 11.591  -2.970  8.489   0.50 40.92  ? 223 HOH A O     1 
HETATM 520 O  O     . HOH E 4 .  ? 7.247   4.098   16.654  1.00 59.02  ? 224 HOH A O     1 
HETATM 521 O  O     . HOH E 4 .  ? -10.227 -17.968 -17.580 1.00 54.50  ? 225 HOH A O     1 
HETATM 522 O  O     . HOH E 4 .  ? -10.041 -16.246 -18.757 1.00 47.82  ? 226 HOH A O     1 
HETATM 523 O  O     . HOH E 4 .  ? -0.704  8.138   -1.838  1.00 60.25  ? 227 HOH A O     1 
HETATM 524 O  O     . HOH E 4 .  ? 16.684  1.430   15.507  1.00 37.70  ? 228 HOH A O     1 
HETATM 525 O  O     . HOH F 4 .  ? 20.593  5.556   3.086   1.00 42.62  ? 101 HOH B O     1 
HETATM 526 O  O     . HOH F 4 .  ? -21.779 5.677   -5.118  1.00 68.74  ? 102 HOH B O     1 
HETATM 527 O  O     . HOH F 4 .  ? -2.803  -7.635  2.056   1.00 52.27  ? 103 HOH B O     1 
HETATM 528 O  O     . HOH F 4 .  ? -1.477  -7.952  0.341   1.00 58.11  ? 104 HOH B O     1 
HETATM 529 O  O     . HOH F 4 .  ? 9.635   8.528   1.875   1.00 62.89  ? 105 HOH B O     1 
HETATM 530 O  O     . HOH F 4 .  ? 8.400   3.760   0.454   1.00 45.01  ? 106 HOH B O     1 
HETATM 531 O  O     . HOH F 4 .  ? 6.320   3.019   -1.886  0.50 39.34  ? 107 HOH B O     1 
HETATM 532 O  O     . HOH F 4 .  ? -10.984 -6.285  2.321   1.00 57.77  ? 108 HOH B O     1 
HETATM 533 O  O     . HOH F 4 .  ? -14.653 -7.157  -2.484  1.00 66.55  ? 109 HOH B O     1 
HETATM 534 O  O     . HOH F 4 .  ? 2.533   -2.546  -1.456  0.50 37.14  ? 110 HOH B O     1 
HETATM 535 O  O     . HOH F 4 .  ? 6.867   -2.803  -3.732  1.00 47.64  ? 111 HOH B O     1 
HETATM 536 O  O     . HOH F 4 .  ? -24.782 5.404   -9.240  1.00 55.54  ? 112 HOH B O     1 
HETATM 537 O  O     . HOH F 4 .  ? 7.960   -5.942  4.336   1.00 56.73  ? 113 HOH B O     1 
HETATM 538 O  O     . HOH F 4 .  ? -14.685 1.442   -6.421  1.00 38.91  ? 114 HOH B O     1 
HETATM 539 O  O     . HOH F 4 .  ? -3.869  -3.888  -3.622  1.00 41.32  ? 115 HOH B O     1 
HETATM 540 O  O     . HOH F 4 .  ? -10.535 0.642   0.514   1.00 61.62  ? 116 HOH B O     1 
HETATM 541 O  O     . HOH F 4 .  ? 19.786  12.414  -2.076  1.00 70.13  ? 117 HOH B O     1 
HETATM 542 O  O     . HOH F 4 .  ? 13.275  6.700   -1.109  1.00 52.05  ? 118 HOH B O     1 
HETATM 543 O  O     . HOH F 4 .  ? -9.357  -9.385  5.173   1.00 65.35  ? 119 HOH B O     1 
HETATM 544 O  O     . HOH F 4 .  ? -7.891  -6.735  1.909   1.00 54.01  ? 120 HOH B O     1 
HETATM 545 O  O     . HOH F 4 .  ? 11.373  3.979   -7.434  1.00 63.68  ? 121 HOH B O     1 
# 
